data_3L4T
#
_entry.id   3L4T
#
_cell.length_a   92.785
_cell.length_b   108.444
_cell.length_c   110.763
_cell.angle_alpha   90.000
_cell.angle_beta   90.000
_cell.angle_gamma   90.000
#
_symmetry.space_group_name_H-M   'P 21 21 21'
#
loop_
_entity.id
_entity.type
_entity.pdbx_description
1 polymer 'Maltase-glucoamylase, intestinal'
2 non-polymer '(1R,2S)-1-[(1S)-1,2-dihydroxyethyl]-3-[(2R,3S,4S)-3,4-dihydroxy-2-(hydroxymethyl)tetrahydrothiophenium-1-yl]-2-hydroxypropyl sulfate'
3 non-polymer 2-acetamido-2-deoxy-beta-D-glucopyranose
4 water water
#
_entity_poly.entity_id   1
_entity_poly.type   'polypeptide(L)'
_entity_poly.pdbx_seq_one_letter_code
;SAECPVVNELERINCIPDQPPTKATCDQRGCCWNPQGAVSVPWCYYSKNHSYHVEGNLVNTNAGFTARLKNLPSSPVFGS
NVDNVLLTAEYQTSNRFHFKLTDQTNNRFEVPHEHVQSFSGNAAASLTYQVEISRQPFSIKVTRRSNNRVLFDSSIGPLL
FADQFLQLSTRLPSTNVYGLGEHVHQQYRHDMNWKTWPIFNRDTTPNGNGTNLYGAQTFFLCLEDASGLSFGVFLMNSNA
MEVVLQPAPAITYRTIGGILDFYVFLGNTPEQVVQEYLELIGRPALPSYWALGFHLSRYEYGTLDNMREVVERNRAAQLP
YDVQHADIDYMDERRDFTYDSVDFKGFPEFVNELHNNGQKLVIIVDPAISNNSSSSKPYGPYDRGSDMKIWVNSSDGVTP
LIGEVWPGQTVFPDYTNPNCAVWWTKEFELFHNQVEFDGIWIDMNEVSNFVDGSVSGCSTNNLNNPPFTPRILDGYLFCK
TLCMDAVQHWGKQYDIHNLYGYSMAVATAEAAKTVFPNKRSFILTRSTFAGSGKFAAHWLGDNTATWDDLRWSIPGVLEF
NLFGIPMVGPDICGFALDTPEELCRRWMQLGAFYPFSRNHNGQGYKDQDPASFGADSLLLNSSRHYLNIRYTLLPYLYTL
FFRAHSRGDTVARPLLHEFYEDNSTWDVHQQFLWGPGLLITPVLDEGAEKVMAYVPDAVWYDYETGSQVRWRKQKVEMEL
PGDKIGLHLRGGYIFPTQQPNTTTLASRKNPLGLIIALDENKEAKGELFWDDGETKDTVANKVYLLCEFSVTQNRLEVNI
SQSTYKDPNNLAFNEIKILGTEEPSNVTVKHNGVPSQTSPTVTYDSNLKVAIITDIDLLLGEAYTVEWAHHHHHH
;
_entity_poly.pdbx_strand_id   A
#
# COMPACT_ATOMS: atom_id res chain seq x y z
N ASN A 8 7.14 23.08 -29.62
CA ASN A 8 7.12 21.67 -29.14
C ASN A 8 5.72 21.33 -28.61
N GLU A 9 5.02 20.52 -29.39
CA GLU A 9 3.63 20.17 -29.11
C GLU A 9 3.54 19.32 -27.83
N LEU A 10 4.63 18.68 -27.45
CA LEU A 10 4.62 17.79 -26.27
C LEU A 10 4.57 18.57 -24.93
N GLU A 11 4.82 19.87 -25.01
CA GLU A 11 4.93 20.77 -23.87
C GLU A 11 3.71 21.66 -23.67
N ARG A 12 2.74 21.55 -24.59
CA ARG A 12 1.53 22.37 -24.48
C ARG A 12 0.70 21.87 -23.32
N ILE A 13 0.29 22.81 -22.47
CA ILE A 13 -0.49 22.57 -21.27
C ILE A 13 -1.95 22.94 -21.63
N ASN A 14 -2.83 21.95 -21.56
CA ASN A 14 -4.19 22.07 -22.09
C ASN A 14 -4.99 23.15 -21.35
N CYS A 15 -5.55 24.11 -22.10
CA CYS A 15 -6.28 25.26 -21.57
C CYS A 15 -7.84 25.05 -21.62
N ILE A 16 -8.26 23.98 -22.26
CA ILE A 16 -9.67 23.60 -22.26
C ILE A 16 -9.75 22.15 -21.77
N PRO A 17 -9.62 21.95 -20.45
CA PRO A 17 -9.65 20.60 -19.92
C PRO A 17 -11.10 20.12 -19.70
N ASP A 18 -12.06 21.01 -19.95
CA ASP A 18 -13.46 20.78 -19.54
C ASP A 18 -14.41 20.33 -20.67
N GLN A 19 -14.06 20.66 -21.91
CA GLN A 19 -14.96 20.43 -23.05
C GLN A 19 -14.15 20.24 -24.32
N PRO A 20 -14.74 19.63 -25.38
CA PRO A 20 -14.03 19.59 -26.67
C PRO A 20 -13.54 21.01 -27.09
N PRO A 21 -12.31 21.10 -27.65
CA PRO A 21 -11.69 22.42 -27.88
C PRO A 21 -12.31 23.17 -29.05
N THR A 22 -12.62 24.44 -28.84
CA THR A 22 -13.06 25.33 -29.92
C THR A 22 -12.25 26.64 -29.90
N LYS A 23 -12.13 27.30 -31.06
CA LYS A 23 -11.40 28.54 -31.15
C LYS A 23 -12.03 29.64 -30.33
N ALA A 24 -13.35 29.75 -30.33
CA ALA A 24 -14.01 30.85 -29.58
C ALA A 24 -13.76 30.81 -28.07
N THR A 25 -13.87 29.63 -27.47
CA THR A 25 -13.57 29.44 -26.03
C THR A 25 -12.10 29.76 -25.77
N CYS A 26 -11.24 29.24 -26.63
CA CYS A 26 -9.84 29.51 -26.57
C CYS A 26 -9.56 31.01 -26.60
N ASP A 27 -10.16 31.71 -27.57
CA ASP A 27 -10.10 33.17 -27.66
C ASP A 27 -10.59 33.84 -26.38
N GLN A 28 -11.73 33.38 -25.87
CA GLN A 28 -12.30 33.86 -24.60
C GLN A 28 -11.36 33.71 -23.42
N ARG A 29 -10.51 32.69 -23.45
CA ARG A 29 -9.62 32.36 -22.33
C ARG A 29 -8.21 32.97 -22.49
N GLY A 30 -8.01 33.65 -23.62
CA GLY A 30 -6.75 34.30 -23.94
C GLY A 30 -5.64 33.29 -24.12
N CYS A 31 -5.98 32.12 -24.64
CA CYS A 31 -5.03 31.01 -24.83
C CYS A 31 -4.61 30.90 -26.28
N CYS A 32 -3.69 30.00 -26.60
CA CYS A 32 -3.25 29.81 -27.97
C CYS A 32 -4.04 28.71 -28.64
N TRP A 33 -4.21 28.86 -29.95
CA TRP A 33 -5.02 27.95 -30.75
C TRP A 33 -4.17 27.41 -31.88
N ASN A 34 -4.07 26.09 -31.94
CA ASN A 34 -3.23 25.41 -32.92
C ASN A 34 -3.73 23.98 -33.08
N PRO A 35 -4.80 23.78 -33.87
CA PRO A 35 -5.36 22.45 -34.07
C PRO A 35 -4.52 21.40 -34.83
N GLN A 36 -3.21 21.60 -34.96
CA GLN A 36 -2.38 20.55 -35.54
C GLN A 36 -1.67 19.64 -34.50
N ALA A 38 -2.40 15.87 -31.32
CA ALA A 38 -3.41 14.94 -31.67
C ALA A 38 -2.72 13.74 -32.25
N VAL A 39 -3.13 12.56 -31.80
CA VAL A 39 -4.19 12.44 -30.80
C VAL A 39 -3.74 13.04 -29.46
N SER A 40 -4.66 13.78 -28.81
CA SER A 40 -4.50 14.33 -27.44
C SER A 40 -3.61 15.55 -27.29
N VAL A 41 -2.83 15.91 -28.31
CA VAL A 41 -2.01 17.12 -28.25
C VAL A 41 -3.06 18.23 -28.13
N PRO A 42 -2.93 19.08 -27.11
CA PRO A 42 -3.91 20.13 -26.89
C PRO A 42 -4.04 21.16 -28.06
N TRP A 43 -5.24 21.28 -28.62
CA TRP A 43 -5.53 22.28 -29.65
C TRP A 43 -5.47 23.67 -29.06
N CYS A 44 -5.85 23.79 -27.78
CA CYS A 44 -5.90 25.04 -27.08
C CYS A 44 -5.04 24.95 -25.82
N TYR A 45 -4.12 25.88 -25.67
CA TYR A 45 -3.08 25.78 -24.65
C TYR A 45 -2.62 27.13 -24.15
N TYR A 46 -2.19 27.17 -22.89
CA TYR A 46 -1.86 28.41 -22.23
C TYR A 46 -0.69 29.12 -22.95
N SER A 47 -0.77 30.44 -23.02
CA SER A 47 0.23 31.25 -23.73
C SER A 47 1.46 31.30 -22.85
N LYS A 48 2.63 31.60 -23.44
CA LYS A 48 3.94 31.52 -22.75
C LYS A 48 4.13 32.54 -21.62
N ASN A 49 3.24 33.53 -21.59
CA ASN A 49 3.26 34.62 -20.64
C ASN A 49 1.81 35.07 -20.51
N HIS A 50 1.23 34.84 -19.32
CA HIS A 50 -0.18 35.12 -19.02
C HIS A 50 -0.53 34.25 -17.80
N SER A 51 -0.05 34.64 -16.61
CA SER A 51 -0.19 33.82 -15.39
C SER A 51 -0.06 34.66 -14.10
N TYR A 52 0.72 34.18 -13.15
CA TYR A 52 1.08 34.97 -11.97
C TYR A 52 2.51 35.51 -12.14
N HIS A 53 2.80 36.58 -11.41
CA HIS A 53 4.16 37.13 -11.33
C HIS A 53 4.52 37.45 -9.88
N VAL A 54 5.82 37.41 -9.57
CA VAL A 54 6.25 37.79 -8.23
C VAL A 54 6.19 39.32 -8.13
N GLU A 55 5.63 39.78 -7.02
CA GLU A 55 5.50 41.18 -6.66
C GLU A 55 6.61 41.57 -5.67
N GLY A 56 7.60 42.31 -6.13
CA GLY A 56 8.65 42.78 -5.22
C GLY A 56 9.69 41.69 -5.02
N ASN A 57 10.30 41.67 -3.84
CA ASN A 57 11.40 40.76 -3.56
C ASN A 57 10.88 39.59 -2.78
N LEU A 58 11.64 38.49 -2.77
CA LEU A 58 11.36 37.45 -1.77
C LEU A 58 11.88 37.84 -0.38
N VAL A 59 11.30 37.22 0.64
CA VAL A 59 11.59 37.53 2.01
C VAL A 59 12.22 36.30 2.63
N ASN A 60 13.48 36.41 3.07
CA ASN A 60 14.08 35.35 3.88
C ASN A 60 13.33 35.21 5.16
N THR A 61 13.04 33.96 5.52
CA THR A 61 12.40 33.62 6.78
C THR A 61 13.34 32.60 7.46
N ASN A 62 13.05 32.26 8.71
CA ASN A 62 13.80 31.22 9.44
C ASN A 62 13.75 29.87 8.75
N ALA A 63 12.57 29.53 8.21
CA ALA A 63 12.37 28.23 7.57
C ALA A 63 12.84 28.19 6.11
N GLY A 64 12.86 29.34 5.44
CA GLY A 64 13.14 29.37 4.00
C GLY A 64 12.89 30.75 3.43
N PHE A 65 11.80 30.92 2.70
CA PHE A 65 11.43 32.23 2.15
C PHE A 65 9.96 32.30 1.87
N THR A 66 9.46 33.53 1.76
CA THR A 66 8.11 33.79 1.25
C THR A 66 8.19 34.69 0.00
N ALA A 67 7.22 34.58 -0.89
CA ALA A 67 7.09 35.47 -2.04
C ALA A 67 5.63 35.85 -2.15
N ARG A 68 5.37 37.07 -2.62
CA ARG A 68 4.01 37.53 -2.91
C ARG A 68 3.80 37.45 -4.40
N LEU A 69 2.74 36.73 -4.79
CA LEU A 69 2.41 36.50 -6.19
C LEU A 69 1.11 37.23 -6.52
N LYS A 70 1.07 37.88 -7.67
CA LYS A 70 -0.08 38.68 -8.09
C LYS A 70 -0.45 38.30 -9.51
N ASN A 71 -1.75 38.26 -9.76
CA ASN A 71 -2.30 37.90 -11.07
C ASN A 71 -2.61 39.14 -11.91
N LEU A 72 -2.28 39.12 -13.20
CA LEU A 72 -2.81 40.13 -14.15
C LEU A 72 -3.97 39.54 -14.94
N VAL A 77 -13.15 32.11 -15.30
CA VAL A 77 -13.56 30.82 -15.88
C VAL A 77 -14.19 29.88 -14.84
N PHE A 78 -13.38 29.34 -13.92
CA PHE A 78 -13.87 28.32 -12.97
C PHE A 78 -14.05 28.87 -11.56
N GLY A 79 -14.75 29.99 -11.49
CA GLY A 79 -14.96 30.68 -10.23
C GLY A 79 -13.96 31.79 -10.05
N SER A 80 -14.08 32.47 -8.91
CA SER A 80 -13.24 33.59 -8.55
C SER A 80 -11.75 33.20 -8.58
N ASN A 81 -10.96 33.93 -9.37
CA ASN A 81 -9.50 33.83 -9.35
C ASN A 81 -9.02 34.44 -8.04
N VAL A 82 -7.93 33.91 -7.48
CA VAL A 82 -7.35 34.50 -6.29
C VAL A 82 -6.28 35.49 -6.77
N ASP A 83 -6.48 36.77 -6.44
CA ASP A 83 -5.66 37.85 -7.00
C ASP A 83 -4.23 37.86 -6.45
N ASN A 84 -4.13 37.69 -5.14
CA ASN A 84 -2.86 37.73 -4.42
C ASN A 84 -2.59 36.39 -3.73
N VAL A 85 -1.55 35.72 -4.19
CA VAL A 85 -1.19 34.39 -3.72
C VAL A 85 0.13 34.48 -2.92
N LEU A 86 0.17 33.81 -1.76
CA LEU A 86 1.40 33.74 -0.94
C LEU A 86 2.10 32.41 -1.18
N LEU A 87 3.37 32.48 -1.59
CA LEU A 87 4.23 31.29 -1.67
C LEU A 87 5.04 31.25 -0.40
N THR A 88 4.94 30.14 0.35
CA THR A 88 5.71 29.90 1.57
C THR A 88 6.59 28.66 1.37
N ALA A 89 7.91 28.84 1.44
CA ALA A 89 8.83 27.71 1.21
C ALA A 89 9.64 27.42 2.45
N GLU A 90 9.82 26.13 2.76
CA GLU A 90 10.47 25.70 3.97
C GLU A 90 11.47 24.62 3.59
N TYR A 91 12.73 24.83 3.97
CA TYR A 91 13.77 23.84 3.77
C TYR A 91 13.75 22.94 4.99
N GLN A 92 12.76 22.06 5.01
CA GLN A 92 12.50 21.20 6.17
C GLN A 92 13.66 20.29 6.56
N THR A 93 14.26 19.61 5.60
CA THR A 93 15.41 18.74 5.91
C THR A 93 16.34 18.85 4.71
N SER A 94 17.54 18.27 4.81
CA SER A 94 18.43 18.16 3.66
C SER A 94 17.85 17.51 2.42
N ASN A 95 16.84 16.65 2.61
CA ASN A 95 16.22 15.89 1.53
C ASN A 95 14.72 16.10 1.30
N ARG A 96 14.13 17.03 2.02
CA ARG A 96 12.71 17.31 1.85
CA ARG A 96 12.71 17.33 1.84
C ARG A 96 12.48 18.82 1.76
N PHE A 97 11.87 19.26 0.66
CA PHE A 97 11.52 20.64 0.44
C PHE A 97 9.99 20.69 0.51
N HIS A 98 9.47 21.73 1.11
CA HIS A 98 8.05 21.91 1.25
C HIS A 98 7.73 23.32 0.74
N PHE A 99 6.75 23.45 -0.14
CA PHE A 99 6.21 24.77 -0.44
C PHE A 99 4.67 24.76 -0.51
N LYS A 100 4.03 25.82 0.00
CA LYS A 100 2.57 25.98 -0.05
C LYS A 100 2.29 27.19 -0.93
N LEU A 101 1.20 27.12 -1.69
CA LEU A 101 0.65 28.30 -2.33
C LEU A 101 -0.73 28.51 -1.73
N THR A 102 -0.94 29.68 -1.11
CA THR A 102 -2.17 29.99 -0.38
C THR A 102 -2.83 31.30 -0.86
N ASP A 103 -4.05 31.55 -0.38
CA ASP A 103 -4.68 32.85 -0.59
C ASP A 103 -4.13 33.83 0.44
N GLN A 104 -3.48 34.88 -0.06
CA GLN A 104 -2.83 35.87 0.81
C GLN A 104 -3.81 36.51 1.82
N THR A 105 -5.08 36.62 1.42
CA THR A 105 -6.05 37.40 2.17
C THR A 105 -7.12 36.55 2.88
N ASN A 106 -7.37 35.35 2.36
CA ASN A 106 -8.35 34.43 2.95
C ASN A 106 -7.71 33.11 3.39
N ASN A 107 -8.10 32.62 4.56
CA ASN A 107 -7.79 31.26 4.94
C ASN A 107 -8.62 30.22 4.17
N ARG A 108 -7.95 29.18 3.68
CA ARG A 108 -8.61 28.15 2.90
C ARG A 108 -8.48 26.76 3.57
N PHE A 109 -9.27 25.79 3.10
CA PHE A 109 -9.20 24.44 3.64
C PHE A 109 -7.81 23.85 3.42
N GLU A 110 -7.27 23.28 4.48
CA GLU A 110 -6.04 22.50 4.43
C GLU A 110 -6.26 21.16 5.13
N VAL A 111 -5.72 20.10 4.57
CA VAL A 111 -5.90 18.76 5.12
C VAL A 111 -5.49 18.71 6.59
N PRO A 112 -6.42 18.32 7.49
CA PRO A 112 -6.06 18.15 8.90
C PRO A 112 -5.42 16.77 9.14
N HIS A 113 -4.28 16.55 8.50
CA HIS A 113 -3.57 15.27 8.56
C HIS A 113 -3.11 14.99 9.98
N HIS A 115 -0.74 12.92 11.03
CA HIS A 115 0.68 12.68 11.30
C HIS A 115 1.57 13.88 10.98
N VAL A 116 1.39 14.46 9.80
CA VAL A 116 2.16 15.58 9.33
C VAL A 116 1.87 16.73 10.28
N GLN A 117 2.93 17.37 10.77
CA GLN A 117 2.82 18.53 11.66
C GLN A 117 3.29 19.77 10.91
N SER A 118 2.97 20.95 11.43
CA SER A 118 3.53 22.17 10.89
C SER A 118 5.04 22.22 11.19
N PHE A 119 5.75 23.04 10.43
CA PHE A 119 7.18 23.15 10.58
C PHE A 119 7.49 24.40 11.38
N SER A 120 8.14 24.18 12.51
CA SER A 120 8.69 25.24 13.32
C SER A 120 10.14 24.85 13.38
N GLY A 121 10.89 25.31 12.42
CA GLY A 121 12.31 25.04 12.45
C GLY A 121 13.03 26.14 11.72
N ASN A 122 14.35 26.07 11.82
CA ASN A 122 15.20 26.81 10.95
C ASN A 122 15.44 25.93 9.74
N ALA A 123 15.72 26.57 8.61
CA ALA A 123 16.14 25.91 7.39
C ALA A 123 17.24 24.88 7.66
N ALA A 124 17.06 23.68 7.10
CA ALA A 124 18.01 22.60 7.30
C ALA A 124 19.34 22.99 6.68
N ALA A 125 20.41 22.43 7.27
CA ALA A 125 21.75 22.49 6.70
C ALA A 125 21.98 21.43 5.62
N SER A 126 23.07 21.63 4.87
CA SER A 126 23.58 20.65 3.90
C SER A 126 22.48 20.13 2.98
N LEU A 127 21.80 21.05 2.28
CA LEU A 127 20.70 20.68 1.38
C LEU A 127 21.22 19.93 0.18
N THR A 128 20.45 18.96 -0.28
CA THR A 128 20.82 18.21 -1.48
C THR A 128 20.20 18.84 -2.69
N TYR A 129 19.35 19.84 -2.46
CA TYR A 129 18.58 20.52 -3.49
C TYR A 129 18.76 22.05 -3.41
N GLN A 130 18.49 22.72 -4.52
CA GLN A 130 18.49 24.15 -4.58
C GLN A 130 17.18 24.56 -5.24
N VAL A 131 16.64 25.66 -4.78
CA VAL A 131 15.35 26.12 -5.27
C VAL A 131 15.60 27.46 -5.99
N GLU A 132 15.00 27.64 -7.15
CA GLU A 132 15.08 28.92 -7.85
C GLU A 132 13.70 29.39 -8.22
N ILE A 133 13.41 30.63 -7.88
CA ILE A 133 12.13 31.24 -8.23
CA ILE A 133 12.13 31.17 -8.29
C ILE A 133 12.35 32.22 -9.37
N SER A 134 11.44 32.21 -10.36
CA SER A 134 11.45 33.22 -11.40
C SER A 134 10.23 34.08 -11.21
N ARG A 135 10.31 35.29 -11.69
CA ARG A 135 9.36 36.26 -11.22
C ARG A 135 8.35 36.68 -12.29
N GLN A 136 8.76 36.65 -13.55
CA GLN A 136 7.97 37.22 -14.65
C GLN A 136 7.97 36.31 -15.89
N PRO A 137 7.07 35.29 -15.93
CA PRO A 137 6.04 34.97 -14.94
C PRO A 137 6.60 34.09 -13.83
N PHE A 138 5.78 33.86 -12.80
CA PHE A 138 6.16 33.01 -11.69
C PHE A 138 6.47 31.62 -12.16
N SER A 139 7.62 31.12 -11.71
CA SER A 139 7.86 29.68 -11.71
C SER A 139 8.73 29.24 -10.52
N ILE A 140 8.60 27.98 -10.15
CA ILE A 140 9.41 27.37 -9.09
CA ILE A 140 9.40 27.36 -9.08
C ILE A 140 10.14 26.16 -9.65
N LYS A 141 11.41 26.05 -9.29
CA LYS A 141 12.23 24.96 -9.77
C LYS A 141 13.00 24.39 -8.59
N VAL A 142 13.14 23.06 -8.53
CA VAL A 142 13.96 22.38 -7.52
C VAL A 142 14.99 21.57 -8.31
N THR A 143 16.27 21.86 -8.08
CA THR A 143 17.31 21.12 -8.78
C THR A 143 18.11 20.34 -7.76
N ARG A 144 18.65 19.21 -8.18
CA ARG A 144 19.57 18.44 -7.38
C ARG A 144 20.93 19.15 -7.42
N ARG A 145 21.46 19.42 -6.25
CA ARG A 145 22.70 20.20 -6.13
CA ARG A 145 22.70 20.21 -6.14
C ARG A 145 23.94 19.54 -6.73
N SER A 146 24.08 18.23 -6.53
CA SER A 146 25.25 17.45 -6.98
C SER A 146 25.49 17.43 -8.50
N ASN A 147 24.40 17.43 -9.27
CA ASN A 147 24.53 17.40 -10.73
C ASN A 147 23.66 18.47 -11.46
N ASN A 148 23.08 19.41 -10.70
CA ASN A 148 22.14 20.44 -11.25
C ASN A 148 20.97 19.84 -12.07
N ARG A 149 20.62 18.59 -11.80
CA ARG A 149 19.49 17.98 -12.51
C ARG A 149 18.25 18.71 -12.04
N VAL A 150 17.50 19.25 -12.98
CA VAL A 150 16.22 19.92 -12.71
CA VAL A 150 16.25 19.92 -12.64
C VAL A 150 15.13 18.88 -12.35
N LEU A 151 14.59 18.93 -11.15
CA LEU A 151 13.66 17.86 -10.70
C LEU A 151 12.20 18.32 -10.79
N PHE A 152 11.88 19.40 -10.07
CA PHE A 152 10.60 20.10 -10.18
C PHE A 152 10.86 21.33 -11.03
N ASP A 153 9.99 21.63 -11.99
CA ASP A 153 10.06 22.88 -12.76
C ASP A 153 8.67 23.26 -13.25
N SER A 154 8.01 24.18 -12.54
CA SER A 154 6.66 24.62 -12.91
C SER A 154 6.56 25.46 -14.21
N SER A 155 7.72 25.94 -14.73
CA SER A 155 7.75 26.88 -15.84
C SER A 155 7.06 26.38 -17.13
N ILE A 156 6.83 25.07 -17.26
CA ILE A 156 6.12 24.52 -18.44
C ILE A 156 4.67 25.07 -18.51
N GLY A 157 4.12 25.48 -17.37
CA GLY A 157 2.73 25.86 -17.33
C GLY A 157 2.47 27.00 -16.38
N PRO A 158 1.24 27.51 -16.39
CA PRO A 158 0.83 28.53 -15.42
C PRO A 158 0.61 27.98 -13.99
N LEU A 159 0.45 28.90 -13.04
CA LEU A 159 -0.15 28.60 -11.75
C LEU A 159 -1.54 29.10 -11.98
N LEU A 160 -2.53 28.26 -11.67
CA LEU A 160 -3.91 28.70 -11.69
C LEU A 160 -4.41 28.47 -10.28
N PHE A 161 -5.11 29.48 -9.77
CA PHE A 161 -5.54 29.46 -8.40
C PHE A 161 -6.89 30.17 -8.30
N ALA A 162 -7.97 29.42 -8.56
CA ALA A 162 -9.33 29.93 -8.36
C ALA A 162 -9.89 29.20 -7.17
N ASP A 163 -11.01 29.68 -6.64
CA ASP A 163 -11.61 29.04 -5.49
C ASP A 163 -11.86 27.52 -5.70
N GLN A 164 -12.19 27.10 -6.92
CA GLN A 164 -12.55 25.70 -7.21
C GLN A 164 -11.82 25.18 -8.42
N PHE A 165 -10.62 25.73 -8.65
CA PHE A 165 -9.79 25.26 -9.74
C PHE A 165 -8.37 25.76 -9.49
N LEU A 166 -7.49 24.82 -9.15
CA LEU A 166 -6.09 25.11 -8.77
C LEU A 166 -5.28 24.16 -9.59
N GLN A 167 -4.27 24.70 -10.29
CA GLN A 167 -3.44 23.89 -11.17
C GLN A 167 -1.98 24.35 -11.11
N LEU A 168 -1.09 23.38 -10.99
CA LEU A 168 0.35 23.59 -11.13
C LEU A 168 0.92 22.42 -11.90
N SER A 169 1.87 22.69 -12.78
CA SER A 169 2.53 21.64 -13.56
C SER A 169 4.02 21.53 -13.15
N THR A 170 4.65 20.40 -13.44
CA THR A 170 6.12 20.33 -13.36
C THR A 170 6.65 19.52 -14.54
N ARG A 171 7.77 19.95 -15.14
CA ARG A 171 8.48 19.06 -16.05
C ARG A 171 9.10 17.96 -15.17
N LEU A 172 9.42 16.85 -15.78
CA LEU A 172 10.07 15.72 -15.11
C LEU A 172 11.36 15.39 -15.87
N PRO A 173 12.40 14.93 -15.13
CA PRO A 173 13.69 14.67 -15.78
C PRO A 173 13.79 13.32 -16.50
N SER A 174 12.77 12.47 -16.36
CA SER A 174 12.72 11.20 -17.04
C SER A 174 11.27 10.75 -17.18
N THR A 175 11.09 9.63 -17.88
CA THR A 175 9.79 8.94 -17.98
C THR A 175 9.73 7.72 -17.04
N ASN A 176 10.63 7.66 -16.06
CA ASN A 176 10.64 6.54 -15.12
C ASN A 176 9.80 7.01 -13.96
N VAL A 177 8.48 6.99 -14.15
CA VAL A 177 7.56 7.61 -13.19
C VAL A 177 6.61 6.51 -12.66
N TYR A 178 6.45 6.46 -11.33
CA TYR A 178 5.75 5.35 -10.63
C TYR A 178 4.93 5.98 -9.54
N GLY A 179 3.68 5.54 -9.38
CA GLY A 179 2.83 6.07 -8.30
C GLY A 179 1.46 6.53 -8.79
N LEU A 180 0.83 7.38 -7.98
CA LEU A 180 -0.55 7.88 -8.15
C LEU A 180 -1.53 6.75 -7.82
N GLY A 181 -2.66 7.12 -7.27
CA GLY A 181 -3.70 6.12 -7.03
C GLY A 181 -4.90 6.74 -6.40
N GLU A 182 -5.92 5.92 -6.14
CA GLU A 182 -5.93 4.51 -6.43
C GLU A 182 -6.56 4.24 -7.80
N HIS A 183 -5.82 3.53 -8.62
CA HIS A 183 -6.27 3.16 -9.98
C HIS A 183 -5.78 1.77 -10.32
N VAL A 184 -6.30 1.22 -11.42
CA VAL A 184 -5.64 0.11 -12.11
C VAL A 184 -4.88 0.75 -13.28
N HIS A 185 -3.55 0.84 -13.15
CA HIS A 185 -2.74 1.45 -14.21
C HIS A 185 -2.36 0.49 -15.30
N GLN A 186 -2.43 -0.80 -14.96
CA GLN A 186 -2.10 -1.96 -15.80
C GLN A 186 -0.58 -2.16 -15.99
N GLN A 187 0.12 -1.08 -16.29
CA GLN A 187 1.60 -1.10 -16.28
C GLN A 187 2.03 -0.43 -14.99
N TYR A 188 3.26 -0.69 -14.52
CA TYR A 188 3.78 -0.04 -13.35
C TYR A 188 4.41 1.32 -13.73
N ARG A 189 5.27 1.30 -14.74
CA ARG A 189 5.83 2.54 -15.25
C ARG A 189 4.78 3.33 -16.05
N HIS A 190 4.64 4.62 -15.72
CA HIS A 190 3.79 5.53 -16.48
C HIS A 190 4.63 5.96 -17.70
N ASP A 191 4.14 5.58 -18.89
CA ASP A 191 4.61 5.95 -20.26
C ASP A 191 4.95 7.42 -20.44
N MET A 192 4.14 8.23 -19.78
CA MET A 192 4.11 9.65 -19.98
C MET A 192 3.49 10.04 -21.32
N ASN A 193 2.86 9.09 -22.00
CA ASN A 193 1.89 9.44 -23.06
C ASN A 193 0.71 10.17 -22.41
N TRP A 194 0.03 11.02 -23.19
CA TRP A 194 -1.05 11.87 -22.72
C TRP A 194 -2.08 11.04 -21.97
N LYS A 195 -2.25 11.33 -20.69
CA LYS A 195 -3.16 10.55 -19.85
C LYS A 195 -3.58 11.36 -18.64
N THR A 196 -4.88 11.27 -18.33
CA THR A 196 -5.45 11.92 -17.17
C THR A 196 -5.97 10.87 -16.16
N TRP A 197 -5.53 10.98 -14.90
CA TRP A 197 -5.92 10.04 -13.85
C TRP A 197 -6.73 10.79 -12.80
N PRO A 198 -8.06 10.53 -12.76
CA PRO A 198 -8.80 11.20 -11.71
C PRO A 198 -8.59 10.52 -10.33
N ILE A 199 -8.66 11.32 -9.27
CA ILE A 199 -8.53 10.83 -7.90
C ILE A 199 -9.69 11.41 -7.07
N PHE A 200 -10.55 10.52 -6.61
CA PHE A 200 -11.73 10.84 -5.78
C PHE A 200 -12.29 9.51 -5.34
N ASN A 201 -12.26 9.29 -4.03
CA ASN A 201 -12.56 8.00 -3.44
C ASN A 201 -13.93 7.56 -3.88
N ARG A 202 -13.98 6.41 -4.49
CA ARG A 202 -15.20 5.92 -5.14
C ARG A 202 -15.25 4.40 -5.08
N ASP A 203 -16.42 3.89 -4.74
CA ASP A 203 -16.72 2.48 -4.84
C ASP A 203 -17.01 2.12 -6.30
N THR A 204 -16.00 1.58 -6.97
CA THR A 204 -16.13 1.20 -8.39
C THR A 204 -15.25 0.01 -8.64
N THR A 205 -15.47 -0.71 -9.73
CA THR A 205 -14.72 -1.91 -9.99
C THR A 205 -13.33 -1.53 -10.46
N PRO A 206 -12.29 -2.13 -9.86
CA PRO A 206 -10.97 -2.05 -10.45
C PRO A 206 -10.89 -2.84 -11.78
N ASN A 207 -11.05 -2.14 -12.90
CA ASN A 207 -11.13 -2.76 -14.24
C ASN A 207 -10.23 -2.06 -15.23
N GLY A 208 -10.35 -2.41 -16.52
CA GLY A 208 -9.50 -1.81 -17.54
C GLY A 208 -9.89 -0.41 -17.96
N ASN A 209 -10.86 0.19 -17.29
CA ASN A 209 -11.30 1.55 -17.61
C ASN A 209 -10.46 2.67 -17.02
N GLY A 210 -9.58 2.34 -16.09
CA GLY A 210 -8.72 3.36 -15.48
C GLY A 210 -9.42 4.50 -14.76
N THR A 211 -10.52 4.19 -14.06
CA THR A 211 -11.23 5.21 -13.29
C THR A 211 -10.64 5.53 -11.89
N ASN A 212 -11.13 6.59 -11.25
CA ASN A 212 -10.90 6.77 -9.82
C ASN A 212 -11.41 5.49 -9.08
N LEU A 213 -10.62 4.98 -8.13
CA LEU A 213 -11.04 3.83 -7.29
C LEU A 213 -11.15 4.28 -5.85
N TYR A 214 -10.90 3.35 -4.92
CA TYR A 214 -11.32 3.49 -3.51
C TYR A 214 -10.53 4.54 -2.71
N GLY A 215 -9.30 4.80 -3.14
CA GLY A 215 -8.37 5.60 -2.33
C GLY A 215 -7.77 6.79 -3.06
N ALA A 216 -7.14 7.70 -2.32
CA ALA A 216 -6.56 8.90 -2.90
C ALA A 216 -5.05 9.01 -2.54
N GLN A 217 -4.19 8.85 -3.56
CA GLN A 217 -2.72 8.80 -3.35
C GLN A 217 -2.00 9.68 -4.40
N THR A 218 -1.54 10.86 -3.99
CA THR A 218 -0.98 11.81 -4.94
C THR A 218 0.51 11.62 -5.16
N PHE A 219 1.12 10.78 -4.33
CA PHE A 219 2.59 10.59 -4.40
C PHE A 219 3.01 9.91 -5.69
N PHE A 220 4.05 10.47 -6.31
CA PHE A 220 4.79 9.73 -7.31
C PHE A 220 6.32 9.77 -7.06
N LEU A 221 7.00 8.76 -7.58
CA LEU A 221 8.46 8.69 -7.46
C LEU A 221 8.97 8.73 -8.91
N CYS A 222 10.08 9.43 -9.12
CA CYS A 222 10.74 9.45 -10.43
C CYS A 222 12.19 8.99 -10.30
N LEU A 223 12.58 7.90 -10.98
CA LEU A 223 13.96 7.50 -11.11
C LEU A 223 14.59 8.40 -12.20
N GLU A 224 15.55 9.22 -11.81
CA GLU A 224 16.14 10.25 -12.71
C GLU A 224 17.02 9.68 -13.80
N ASP A 225 17.79 8.66 -13.44
CA ASP A 225 18.77 8.02 -14.35
C ASP A 225 19.24 6.66 -13.78
N ALA A 226 20.12 5.99 -14.52
CA ALA A 226 20.66 4.72 -14.06
C ALA A 226 21.56 4.77 -12.81
N SER A 227 22.00 5.95 -12.38
CA SER A 227 22.83 5.99 -11.17
C SER A 227 21.99 5.65 -9.93
N GLY A 228 20.67 5.83 -10.04
CA GLY A 228 19.76 5.54 -8.93
C GLY A 228 19.10 6.77 -8.31
N LEU A 229 19.70 7.96 -8.57
CA LEU A 229 19.24 9.24 -8.07
C LEU A 229 17.77 9.37 -8.45
N SER A 230 16.94 9.63 -7.44
CA SER A 230 15.51 9.59 -7.63
C SER A 230 14.93 10.72 -6.80
N PHE A 231 13.70 11.09 -7.11
CA PHE A 231 13.00 12.07 -6.30
C PHE A 231 11.52 11.73 -6.24
N GLY A 232 10.82 12.34 -5.32
CA GLY A 232 9.37 12.12 -5.25
C GLY A 232 8.64 13.43 -5.00
N VAL A 233 7.35 13.44 -5.34
CA VAL A 233 6.52 14.61 -5.16
C VAL A 233 5.23 14.19 -4.47
N PHE A 234 4.84 14.91 -3.43
CA PHE A 234 3.56 14.65 -2.82
C PHE A 234 2.75 15.93 -2.76
N LEU A 235 1.47 15.83 -3.13
CA LEU A 235 0.52 16.95 -2.93
C LEU A 235 -0.43 16.67 -1.78
N MET A 236 -0.36 17.51 -0.75
CA MET A 236 -1.22 17.39 0.41
C MET A 236 -2.53 18.13 0.10
N ASN A 237 -3.46 17.41 -0.52
CA ASN A 237 -4.75 18.01 -0.98
C ASN A 237 -5.76 16.86 -1.03
N SER A 238 -6.90 17.08 -0.39
CA SER A 238 -7.94 16.04 -0.29
C SER A 238 -9.18 16.33 -1.18
N ASN A 239 -9.11 17.36 -2.01
CA ASN A 239 -10.28 17.68 -2.89
C ASN A 239 -10.24 16.80 -4.13
N ALA A 240 -11.36 16.65 -4.83
CA ALA A 240 -11.36 15.87 -6.08
C ALA A 240 -10.30 16.48 -7.00
N MET A 241 -9.57 15.64 -7.70
CA MET A 241 -8.53 16.19 -8.55
C MET A 241 -8.25 15.23 -9.66
N GLU A 242 -7.42 15.67 -10.60
CA GLU A 242 -6.89 14.77 -11.58
C GLU A 242 -5.42 15.07 -11.84
N VAL A 243 -4.71 14.03 -12.21
CA VAL A 243 -3.31 14.14 -12.50
C VAL A 243 -3.14 13.86 -13.99
N VAL A 244 -2.60 14.85 -14.68
CA VAL A 244 -2.52 14.86 -16.13
C VAL A 244 -1.06 14.65 -16.57
N LEU A 245 -0.82 13.56 -17.30
CA LEU A 245 0.55 13.16 -17.66
C LEU A 245 0.71 13.45 -19.14
N GLN A 246 1.83 14.04 -19.52
CA GLN A 246 2.13 14.29 -20.95
C GLN A 246 3.60 14.04 -21.33
N PRO A 247 3.88 13.77 -22.64
CA PRO A 247 5.18 13.32 -23.14
C PRO A 247 6.32 14.32 -23.11
N ALA A 248 6.09 15.52 -22.62
CA ALA A 248 7.20 16.50 -22.49
C ALA A 248 8.57 15.96 -22.00
N PRO A 249 8.65 15.11 -20.93
CA PRO A 249 7.58 14.67 -19.99
C PRO A 249 7.21 15.68 -18.92
N ALA A 250 5.94 15.64 -18.52
CA ALA A 250 5.47 16.55 -17.51
C ALA A 250 4.24 15.99 -16.83
N ILE A 251 4.05 16.47 -15.60
CA ILE A 251 2.87 16.11 -14.82
CA ILE A 251 2.86 16.12 -14.79
C ILE A 251 2.20 17.41 -14.34
N THR A 252 0.87 17.44 -14.42
CA THR A 252 0.05 18.55 -13.95
C THR A 252 -0.93 18.03 -12.89
N TYR A 253 -1.09 18.78 -11.80
CA TYR A 253 -2.09 18.51 -10.75
C TYR A 253 -3.17 19.58 -10.93
N ARG A 254 -4.41 19.14 -10.91
CA ARG A 254 -5.54 20.01 -11.20
C ARG A 254 -6.58 19.60 -10.15
N THR A 255 -6.75 20.42 -9.13
CA THR A 255 -7.67 20.13 -8.00
C THR A 255 -8.76 21.18 -7.93
N ILE A 256 -9.88 20.86 -7.26
CA ILE A 256 -11.04 21.74 -7.25
C ILE A 256 -11.28 22.39 -5.90
N GLY A 257 -10.29 22.28 -5.01
CA GLY A 257 -10.40 22.92 -3.72
C GLY A 257 -9.09 22.99 -2.98
N GLY A 258 -9.17 23.53 -1.76
CA GLY A 258 -8.05 23.61 -0.84
C GLY A 258 -6.93 24.49 -1.34
N ILE A 259 -5.71 24.02 -1.14
CA ILE A 259 -4.51 24.78 -1.51
C ILE A 259 -3.52 23.85 -2.19
N LEU A 260 -2.53 24.42 -2.84
CA LEU A 260 -1.41 23.65 -3.39
C LEU A 260 -0.30 23.56 -2.35
N ASP A 261 -0.23 22.42 -1.70
CA ASP A 261 0.70 22.21 -0.59
C ASP A 261 1.58 21.04 -1.03
N PHE A 262 2.82 21.36 -1.45
CA PHE A 262 3.65 20.37 -2.14
C PHE A 262 4.91 20.00 -1.32
N TYR A 263 5.30 18.75 -1.42
CA TYR A 263 6.58 18.28 -0.86
C TYR A 263 7.38 17.63 -1.97
N VAL A 264 8.69 17.87 -1.97
CA VAL A 264 9.58 17.28 -2.96
C VAL A 264 10.67 16.57 -2.14
N PHE A 265 10.96 15.34 -2.51
CA PHE A 265 11.84 14.46 -1.74
C PHE A 265 12.99 14.07 -2.63
N LEU A 266 14.23 14.13 -2.12
CA LEU A 266 15.35 13.66 -2.93
C LEU A 266 15.95 12.47 -2.23
N GLY A 267 16.31 11.47 -3.01
CA GLY A 267 17.06 10.35 -2.45
C GLY A 267 18.14 9.89 -3.41
N ASN A 268 19.09 9.10 -2.90
CA ASN A 268 20.14 8.54 -3.77
C ASN A 268 19.70 7.32 -4.51
N THR A 269 18.57 6.75 -4.07
CA THR A 269 17.99 5.53 -4.64
C THR A 269 16.45 5.68 -4.57
N PRO A 270 15.71 4.90 -5.37
CA PRO A 270 14.25 4.87 -5.20
C PRO A 270 13.81 4.52 -3.78
N GLU A 271 14.44 3.53 -3.13
CA GLU A 271 14.05 3.18 -1.75
C GLU A 271 14.26 4.35 -0.79
N GLN A 272 15.33 5.14 -0.99
CA GLN A 272 15.52 6.32 -0.18
C GLN A 272 14.38 7.33 -0.42
N VAL A 273 13.90 7.41 -1.64
CA VAL A 273 12.73 8.34 -1.87
C VAL A 273 11.45 7.93 -1.04
N VAL A 274 11.09 6.64 -1.11
CA VAL A 274 9.98 6.07 -0.31
C VAL A 274 10.21 6.37 1.19
N GLN A 275 11.44 6.13 1.67
CA GLN A 275 11.78 6.40 3.07
C GLN A 275 11.55 7.89 3.45
N GLU A 276 11.96 8.80 2.56
CA GLU A 276 11.71 10.24 2.76
C GLU A 276 10.23 10.58 2.79
N TYR A 277 9.48 10.03 1.84
CA TYR A 277 8.02 10.25 1.80
C TYR A 277 7.36 9.72 3.08
N LEU A 278 7.76 8.52 3.50
CA LEU A 278 7.12 7.89 4.65
C LEU A 278 7.55 8.51 5.97
N GLU A 279 8.74 9.08 5.98
CA GLU A 279 9.20 9.86 7.13
C GLU A 279 8.26 11.03 7.35
N LEU A 280 7.81 11.65 6.25
CA LEU A 280 6.84 12.73 6.35
C LEU A 280 5.43 12.25 6.71
N ILE A 281 4.88 11.37 5.90
CA ILE A 281 3.46 11.04 6.07
CA ILE A 281 3.47 11.00 6.01
C ILE A 281 3.15 10.00 7.12
N GLY A 282 4.16 9.24 7.56
CA GLY A 282 3.98 8.20 8.54
C GLY A 282 4.33 6.83 7.99
N ARG A 283 5.22 6.13 8.68
CA ARG A 283 5.58 4.77 8.27
C ARG A 283 4.50 3.74 8.62
N PRO A 284 4.45 2.63 7.85
CA PRO A 284 3.40 1.63 8.12
C PRO A 284 3.47 0.94 9.49
N ALA A 285 2.30 0.57 10.03
CA ALA A 285 2.23 -0.22 11.26
C ALA A 285 2.95 -1.54 11.06
N LEU A 286 3.64 -1.99 12.10
CA LEU A 286 4.15 -3.36 12.14
C LEU A 286 2.99 -4.34 12.26
N PRO A 287 2.79 -5.25 11.30
CA PRO A 287 1.59 -6.07 11.56
C PRO A 287 1.76 -7.12 12.67
N SER A 288 0.65 -7.65 13.15
CA SER A 288 0.69 -8.94 13.89
C SER A 288 1.31 -10.01 12.98
N TYR A 289 2.20 -10.84 13.52
CA TYR A 289 2.79 -11.93 12.77
C TYR A 289 1.73 -12.86 12.16
N TRP A 290 0.63 -13.09 12.89
CA TRP A 290 -0.43 -13.96 12.32
C TRP A 290 -1.10 -13.41 11.06
N ALA A 291 -1.10 -12.10 10.92
CA ALA A 291 -1.74 -11.47 9.79
C ALA A 291 -0.87 -11.66 8.53
N LEU A 292 0.38 -12.11 8.70
CA LEU A 292 1.24 -12.48 7.56
C LEU A 292 0.85 -13.86 7.02
N GLY A 293 0.04 -14.59 7.77
CA GLY A 293 -0.38 -15.91 7.29
C GLY A 293 -1.42 -15.79 6.19
N PHE A 294 -2.01 -16.91 5.84
CA PHE A 294 -3.02 -16.99 4.80
C PHE A 294 -4.41 -16.77 5.37
N HIS A 295 -5.17 -15.93 4.67
CA HIS A 295 -6.54 -15.54 5.04
C HIS A 295 -7.56 -16.11 4.04
N LEU A 296 -8.68 -16.62 4.55
CA LEU A 296 -9.75 -17.13 3.68
C LEU A 296 -11.05 -16.43 4.02
N SER A 297 -11.88 -16.23 3.00
CA SER A 297 -13.04 -15.34 3.10
C SER A 297 -14.00 -15.61 1.94
N ARG A 298 -15.29 -15.34 2.13
CA ARG A 298 -16.17 -15.10 1.01
C ARG A 298 -17.35 -14.27 1.47
N TYR A 299 -17.90 -13.56 0.50
CA TYR A 299 -19.20 -12.91 0.63
C TYR A 299 -20.27 -14.01 0.48
N GLU A 300 -21.02 -14.26 1.54
CA GLU A 300 -22.16 -15.22 1.54
C GLU A 300 -21.79 -16.66 1.59
N TYR A 301 -21.23 -17.06 2.73
CA TYR A 301 -21.31 -18.46 3.11
C TYR A 301 -22.80 -18.76 3.37
N GLY A 302 -23.50 -17.79 3.95
CA GLY A 302 -24.96 -17.81 4.13
C GLY A 302 -25.33 -18.19 5.56
N THR A 303 -24.67 -19.25 6.02
CA THR A 303 -24.93 -19.82 7.33
C THR A 303 -23.61 -20.19 7.98
N LEU A 304 -23.57 -20.21 9.31
CA LEU A 304 -22.40 -20.72 10.03
C LEU A 304 -22.04 -22.16 9.62
N ASP A 305 -23.05 -23.02 9.43
CA ASP A 305 -22.79 -24.39 8.96
C ASP A 305 -21.96 -24.43 7.67
N ASN A 306 -22.30 -23.54 6.73
CA ASN A 306 -21.55 -23.44 5.47
C ASN A 306 -20.12 -22.94 5.72
N MET A 307 -19.98 -21.92 6.56
CA MET A 307 -18.64 -21.35 6.86
C MET A 307 -17.74 -22.41 7.49
N ARG A 308 -18.25 -23.07 8.54
CA ARG A 308 -17.55 -24.19 9.17
C ARG A 308 -17.17 -25.31 8.20
N GLU A 309 -18.05 -25.65 7.26
CA GLU A 309 -17.72 -26.72 6.29
C GLU A 309 -16.47 -26.35 5.47
N VAL A 310 -16.42 -25.10 5.02
CA VAL A 310 -15.26 -24.57 4.25
C VAL A 310 -14.00 -24.55 5.16
N VAL A 311 -14.15 -24.09 6.41
CA VAL A 311 -13.02 -24.04 7.36
C VAL A 311 -12.46 -25.44 7.52
N GLU A 312 -13.36 -26.41 7.76
CA GLU A 312 -12.94 -27.77 8.06
C GLU A 312 -12.28 -28.51 6.92
N ARG A 313 -12.75 -28.30 5.69
CA ARG A 313 -12.13 -28.96 4.54
C ARG A 313 -10.72 -28.44 4.23
N ASN A 314 -10.47 -27.16 4.49
CA ASN A 314 -9.11 -26.60 4.30
C ASN A 314 -8.16 -26.98 5.43
N ARG A 315 -8.67 -27.07 6.66
CA ARG A 315 -7.88 -27.69 7.74
C ARG A 315 -7.56 -29.17 7.52
N ALA A 316 -8.53 -29.93 7.02
CA ALA A 316 -8.38 -31.36 6.65
C ALA A 316 -7.27 -31.55 5.61
N ALA A 317 -7.16 -30.57 4.70
CA ALA A 317 -6.12 -30.54 3.65
C ALA A 317 -4.75 -30.08 4.15
N GLN A 318 -4.68 -29.65 5.42
CA GLN A 318 -3.43 -29.15 6.03
C GLN A 318 -2.94 -27.90 5.29
N LEU A 319 -3.88 -27.01 4.96
CA LEU A 319 -3.52 -25.77 4.25
C LEU A 319 -2.92 -24.79 5.28
N PRO A 320 -1.74 -24.18 5.00
CA PRO A 320 -1.39 -23.09 5.94
C PRO A 320 -2.47 -21.99 5.94
N TYR A 321 -3.06 -21.70 7.10
CA TYR A 321 -4.36 -21.03 7.12
C TYR A 321 -4.62 -20.41 8.51
N ASP A 322 -4.33 -19.11 8.62
CA ASP A 322 -4.36 -18.45 9.94
C ASP A 322 -5.64 -17.76 10.29
N VAL A 323 -6.28 -17.19 9.28
CA VAL A 323 -7.36 -16.25 9.51
C VAL A 323 -8.54 -16.60 8.63
N GLN A 324 -9.70 -16.53 9.28
CA GLN A 324 -10.98 -16.65 8.60
C GLN A 324 -11.67 -15.32 8.72
N HIS A 325 -12.19 -14.81 7.60
CA HIS A 325 -12.93 -13.58 7.61
C HIS A 325 -14.42 -13.92 7.60
N ALA A 326 -15.21 -13.06 8.21
CA ALA A 326 -16.65 -13.24 8.15
C ALA A 326 -17.21 -11.96 7.59
N ASP A 327 -17.96 -12.10 6.51
CA ASP A 327 -18.50 -10.98 5.76
C ASP A 327 -19.90 -10.69 6.27
N ILE A 328 -20.64 -9.82 5.60
CA ILE A 328 -21.88 -9.26 6.16
C ILE A 328 -23.03 -10.27 6.34
N ASP A 329 -22.90 -11.47 5.76
CA ASP A 329 -23.81 -12.59 6.07
C ASP A 329 -23.77 -13.14 7.51
N TYR A 330 -22.71 -12.86 8.30
CA TYR A 330 -22.75 -13.15 9.78
C TYR A 330 -23.76 -12.27 10.52
N MET A 331 -24.00 -11.06 10.01
CA MET A 331 -24.87 -10.07 10.67
C MET A 331 -26.38 -10.45 10.69
N ASP A 332 -27.12 -9.85 11.62
CA ASP A 332 -28.58 -9.95 11.61
C ASP A 332 -29.06 -8.92 10.58
N GLU A 333 -29.46 -9.40 9.40
CA GLU A 333 -29.91 -8.56 8.28
C GLU A 333 -28.90 -7.45 7.90
N ARG A 334 -27.63 -7.83 7.82
CA ARG A 334 -26.58 -6.91 7.27
C ARG A 334 -26.39 -5.66 8.16
N ARG A 335 -26.70 -5.82 9.46
CA ARG A 335 -26.56 -4.74 10.44
CA ARG A 335 -26.56 -4.75 10.45
C ARG A 335 -25.31 -4.92 11.32
N ASP A 336 -24.53 -3.85 11.44
CA ASP A 336 -23.31 -3.85 12.24
C ASP A 336 -23.63 -4.28 13.67
N PHE A 337 -22.72 -5.07 14.25
CA PHE A 337 -22.66 -5.32 15.71
C PHE A 337 -23.84 -6.21 16.17
N THR A 338 -24.30 -7.05 15.26
CA THR A 338 -25.27 -8.07 15.56
C THR A 338 -24.74 -9.30 14.82
N TYR A 339 -25.19 -10.48 15.23
CA TYR A 339 -25.11 -11.65 14.37
C TYR A 339 -26.46 -12.32 14.25
N ASP A 340 -26.61 -13.10 13.19
CA ASP A 340 -27.86 -13.71 12.84
C ASP A 340 -28.12 -14.90 13.76
N SER A 341 -29.02 -14.71 14.72
CA SER A 341 -29.31 -15.75 15.72
C SER A 341 -29.79 -17.11 15.17
N VAL A 342 -30.18 -17.17 13.89
CA VAL A 342 -30.61 -18.44 13.27
C VAL A 342 -29.54 -19.03 12.35
N ASP A 343 -29.24 -18.33 11.26
CA ASP A 343 -28.21 -18.78 10.30
C ASP A 343 -26.82 -18.80 10.91
N PHE A 344 -26.59 -17.94 11.89
CA PHE A 344 -25.31 -17.92 12.62
C PHE A 344 -25.48 -18.24 14.11
N LYS A 345 -26.51 -19.06 14.40
CA LYS A 345 -26.61 -19.73 15.70
C LYS A 345 -25.33 -20.50 16.03
N GLY A 346 -24.77 -20.18 17.18
CA GLY A 346 -23.60 -20.90 17.65
C GLY A 346 -22.30 -20.25 17.20
N PHE A 347 -22.37 -18.99 16.77
CA PHE A 347 -21.18 -18.20 16.36
C PHE A 347 -20.12 -18.13 17.47
N PRO A 348 -20.49 -17.77 18.74
CA PRO A 348 -19.47 -17.83 19.81
C PRO A 348 -18.71 -19.15 19.96
N GLU A 349 -19.39 -20.30 19.83
CA GLU A 349 -18.73 -21.61 19.94
C GLU A 349 -17.79 -21.88 18.73
N PHE A 350 -18.22 -21.47 17.55
CA PHE A 350 -17.31 -21.51 16.36
C PHE A 350 -16.05 -20.63 16.52
N VAL A 351 -16.20 -19.46 17.15
CA VAL A 351 -15.05 -18.57 17.37
C VAL A 351 -14.08 -19.21 18.39
N ASN A 352 -14.64 -19.88 19.41
CA ASN A 352 -13.84 -20.70 20.31
C ASN A 352 -13.12 -21.81 19.54
N GLU A 353 -13.81 -22.45 18.59
CA GLU A 353 -13.26 -23.54 17.76
C GLU A 353 -12.03 -23.04 16.95
N LEU A 354 -12.21 -21.90 16.29
CA LEU A 354 -11.14 -21.20 15.52
C LEU A 354 -9.90 -20.99 16.40
N HIS A 355 -10.11 -20.35 17.56
CA HIS A 355 -9.07 -20.00 18.53
C HIS A 355 -8.32 -21.22 19.02
N ASN A 356 -9.07 -22.29 19.31
CA ASN A 356 -8.53 -23.56 19.80
C ASN A 356 -7.71 -24.20 18.74
N ASN A 357 -8.06 -23.94 17.48
CA ASN A 357 -7.29 -24.46 16.36
C ASN A 357 -6.14 -23.53 15.93
N GLY A 358 -5.87 -22.49 16.73
CA GLY A 358 -4.77 -21.55 16.45
C GLY A 358 -5.03 -20.53 15.36
N GLN A 359 -6.30 -20.34 15.01
CA GLN A 359 -6.73 -19.40 13.97
C GLN A 359 -7.34 -18.16 14.53
N LYS A 360 -7.60 -17.20 13.66
CA LYS A 360 -8.05 -15.90 14.08
C LYS A 360 -9.29 -15.56 13.28
N LEU A 361 -10.16 -14.76 13.85
CA LEU A 361 -11.38 -14.32 13.18
C LEU A 361 -11.24 -12.83 12.91
N VAL A 362 -11.41 -12.43 11.65
CA VAL A 362 -11.58 -11.04 11.33
C VAL A 362 -13.03 -10.80 10.88
N ILE A 363 -13.65 -9.77 11.42
CA ILE A 363 -15.02 -9.47 11.00
C ILE A 363 -15.07 -8.21 10.16
N ILE A 364 -15.99 -8.19 9.19
CA ILE A 364 -16.27 -6.99 8.44
C ILE A 364 -17.18 -6.13 9.29
N VAL A 365 -16.95 -4.82 9.16
CA VAL A 365 -17.70 -3.78 9.82
C VAL A 365 -17.81 -2.66 8.79
N ASP A 366 -19.04 -2.27 8.52
CA ASP A 366 -19.34 -1.21 7.57
C ASP A 366 -19.49 0.08 8.37
N PRO A 367 -19.25 1.25 7.76
CA PRO A 367 -19.46 2.46 8.55
C PRO A 367 -20.96 2.76 8.76
N ALA A 368 -21.80 2.46 7.77
CA ALA A 368 -23.16 3.01 7.76
C ALA A 368 -23.99 2.23 8.78
N ILE A 369 -24.82 2.94 9.53
CA ILE A 369 -25.52 2.34 10.70
C ILE A 369 -27.02 2.46 10.42
N SER A 370 -27.73 1.32 10.37
CA SER A 370 -29.21 1.31 10.15
C SER A 370 -29.90 2.33 11.07
N ASN A 371 -30.77 3.20 10.54
CA ASN A 371 -31.52 4.14 11.40
C ASN A 371 -32.90 3.58 11.82
N ASN A 372 -33.10 2.29 11.60
CA ASN A 372 -34.36 1.65 11.91
C ASN A 372 -34.36 1.19 13.36
N SER A 373 -34.91 2.03 14.22
CA SER A 373 -34.91 1.81 15.67
C SER A 373 -36.23 2.30 16.33
N SER A 374 -36.82 1.44 17.16
CA SER A 374 -38.08 1.76 17.87
C SER A 374 -38.09 1.14 19.27
N SER A 375 -39.16 1.38 20.03
CA SER A 375 -39.35 0.71 21.33
C SER A 375 -39.45 -0.81 21.18
N SER A 376 -40.22 -1.24 20.16
CA SER A 376 -40.45 -2.66 19.89
C SER A 376 -39.16 -3.39 19.56
N LYS A 377 -38.48 -3.00 18.47
CA LYS A 377 -37.14 -3.53 18.15
C LYS A 377 -36.08 -2.39 18.16
N PRO A 378 -35.48 -2.10 19.34
CA PRO A 378 -34.38 -1.14 19.39
C PRO A 378 -33.11 -1.66 18.68
N TYR A 379 -32.40 -0.75 18.03
CA TYR A 379 -31.10 -1.09 17.47
C TYR A 379 -30.07 -0.23 18.19
N GLY A 380 -29.33 -0.86 19.09
CA GLY A 380 -28.42 -0.16 20.00
C GLY A 380 -27.37 0.79 19.42
N PRO A 381 -26.61 0.33 18.38
CA PRO A 381 -25.60 1.22 17.76
C PRO A 381 -26.17 2.56 17.30
N TYR A 382 -27.36 2.53 16.70
CA TYR A 382 -28.06 3.76 16.28
C TYR A 382 -28.54 4.62 17.44
N ASP A 383 -29.16 3.97 18.44
CA ASP A 383 -29.65 4.69 19.62
C ASP A 383 -28.49 5.39 20.33
N ARG A 384 -27.41 4.65 20.58
CA ARG A 384 -26.28 5.19 21.29
C ARG A 384 -25.52 6.26 20.49
N GLY A 385 -25.47 6.08 19.17
CA GLY A 385 -24.78 7.03 18.29
C GLY A 385 -25.60 8.29 18.13
N SER A 386 -26.92 8.12 18.22
CA SER A 386 -27.84 9.26 18.16
C SER A 386 -27.76 10.08 19.45
N ASP A 387 -27.78 9.38 20.60
CA ASP A 387 -27.53 9.98 21.91
C ASP A 387 -26.25 10.84 21.95
N MET A 388 -25.21 10.36 21.25
CA MET A 388 -23.88 10.99 21.23
CA MET A 388 -23.92 11.03 21.27
C MET A 388 -23.80 12.09 20.20
N LYS A 389 -24.80 12.13 19.31
CA LYS A 389 -24.90 13.10 18.22
C LYS A 389 -23.69 13.07 17.27
N ILE A 390 -23.26 11.87 16.88
CA ILE A 390 -21.99 11.69 16.17
C ILE A 390 -22.10 11.40 14.67
N TRP A 391 -23.26 11.71 14.07
CA TRP A 391 -23.43 11.46 12.62
C TRP A 391 -23.02 12.61 11.72
N VAL A 392 -22.71 12.29 10.46
CA VAL A 392 -22.58 13.28 9.40
C VAL A 392 -23.96 13.95 9.23
N ASN A 393 -23.96 15.27 9.21
CA ASN A 393 -25.20 16.02 9.03
C ASN A 393 -25.33 16.51 7.59
N SER A 394 -26.57 16.78 7.16
CA SER A 394 -26.84 17.56 5.92
C SER A 394 -26.39 19.01 6.07
N SER A 395 -26.40 19.79 4.98
CA SER A 395 -25.86 21.16 5.00
C SER A 395 -26.39 22.07 6.11
N ASP A 396 -27.60 21.79 6.61
CA ASP A 396 -28.20 22.56 7.72
C ASP A 396 -27.39 22.44 9.00
N GLY A 397 -26.46 21.47 9.00
CA GLY A 397 -25.53 21.25 10.12
C GLY A 397 -26.14 20.77 11.42
N VAL A 398 -27.34 20.19 11.37
CA VAL A 398 -28.06 19.72 12.57
C VAL A 398 -28.88 18.42 12.37
N THR A 399 -29.30 18.14 11.13
CA THR A 399 -30.01 16.91 10.79
C THR A 399 -29.04 15.87 10.20
N PRO A 400 -28.93 14.69 10.87
CA PRO A 400 -28.20 13.53 10.34
C PRO A 400 -28.54 13.23 8.89
N LEU A 401 -27.51 13.05 8.05
CA LEU A 401 -27.73 12.73 6.65
C LEU A 401 -28.20 11.27 6.48
N ILE A 402 -29.27 11.07 5.71
CA ILE A 402 -29.77 9.72 5.50
C ILE A 402 -29.44 9.24 4.11
N GLY A 403 -28.85 8.06 4.04
CA GLY A 403 -28.51 7.45 2.78
C GLY A 403 -28.98 6.03 2.83
N GLU A 404 -28.44 5.18 1.97
CA GLU A 404 -28.81 3.78 1.94
C GLU A 404 -27.59 2.90 1.71
N VAL A 405 -27.44 1.89 2.54
CA VAL A 405 -26.43 0.86 2.31
C VAL A 405 -27.04 -0.52 2.59
N TRP A 406 -26.27 -1.50 3.07
CA TRP A 406 -26.75 -2.90 3.12
C TRP A 406 -28.00 -3.14 3.98
N PRO A 407 -28.10 -2.48 5.15
CA PRO A 407 -29.26 -2.87 5.98
C PRO A 407 -30.53 -2.10 5.59
N GLY A 408 -30.38 -1.09 4.73
CA GLY A 408 -31.48 -0.23 4.31
C GLY A 408 -31.09 1.22 4.48
N GLN A 409 -32.04 2.06 4.89
CA GLN A 409 -31.73 3.46 5.18
C GLN A 409 -30.75 3.54 6.34
N THR A 410 -29.82 4.48 6.26
CA THR A 410 -28.70 4.56 7.17
C THR A 410 -28.25 5.96 7.47
N VAL A 411 -27.60 6.11 8.62
CA VAL A 411 -26.85 7.29 8.95
C VAL A 411 -25.33 6.90 8.93
N PHE A 412 -24.44 7.88 8.82
CA PHE A 412 -23.01 7.62 8.62
C PHE A 412 -22.25 8.27 9.78
N PRO A 413 -21.40 7.49 10.48
CA PRO A 413 -20.57 8.03 11.56
C PRO A 413 -19.66 9.12 11.03
N ASP A 414 -19.47 10.16 11.82
CA ASP A 414 -18.52 11.21 11.53
C ASP A 414 -17.25 10.92 12.30
N TYR A 415 -16.35 10.14 11.69
CA TYR A 415 -15.16 9.67 12.41
C TYR A 415 -14.16 10.80 12.65
N THR A 416 -14.40 11.98 12.09
CA THR A 416 -13.50 13.14 12.28
C THR A 416 -13.69 13.81 13.63
N ASN A 417 -14.82 13.47 14.27
CA ASN A 417 -15.20 13.94 15.59
C ASN A 417 -14.59 12.97 16.61
N PRO A 418 -13.69 13.44 17.49
CA PRO A 418 -13.16 12.52 18.51
C PRO A 418 -14.22 11.77 19.35
N ASN A 419 -15.37 12.38 19.62
CA ASN A 419 -16.48 11.71 20.32
C ASN A 419 -17.07 10.49 19.56
N CYS A 420 -16.92 10.49 18.24
CA CYS A 420 -17.39 9.37 17.42
C CYS A 420 -16.55 8.13 17.69
N ALA A 421 -15.23 8.30 17.78
CA ALA A 421 -14.34 7.20 18.15
C ALA A 421 -14.66 6.63 19.55
N VAL A 422 -15.12 7.47 20.46
CA VAL A 422 -15.59 6.96 21.73
C VAL A 422 -16.82 6.08 21.48
N TRP A 423 -17.82 6.62 20.78
CA TRP A 423 -19.00 5.83 20.36
C TRP A 423 -18.59 4.50 19.71
N TRP A 424 -17.72 4.61 18.70
CA TRP A 424 -17.24 3.45 17.94
C TRP A 424 -16.58 2.40 18.80
N THR A 425 -15.70 2.83 19.70
CA THR A 425 -15.02 1.93 20.62
C THR A 425 -16.00 1.11 21.47
N LYS A 426 -16.95 1.81 22.09
CA LYS A 426 -17.98 1.14 22.92
C LYS A 426 -18.78 0.11 22.13
N GLU A 427 -19.12 0.43 20.87
CA GLU A 427 -19.83 -0.49 19.99
C GLU A 427 -19.01 -1.76 19.80
N PHE A 428 -17.72 -1.60 19.52
CA PHE A 428 -16.82 -2.78 19.38
C PHE A 428 -16.63 -3.52 20.69
N GLU A 429 -16.54 -2.79 21.80
CA GLU A 429 -16.51 -3.36 23.16
C GLU A 429 -17.72 -4.26 23.39
N LEU A 430 -18.91 -3.70 23.17
CA LEU A 430 -20.16 -4.44 23.38
C LEU A 430 -20.24 -5.68 22.49
N PHE A 431 -19.88 -5.55 21.20
CA PHE A 431 -19.92 -6.68 20.27
C PHE A 431 -18.90 -7.77 20.58
N HIS A 432 -17.69 -7.38 20.96
CA HIS A 432 -16.60 -8.30 21.32
C HIS A 432 -16.92 -9.21 22.53
N ASN A 433 -17.76 -8.73 23.44
CA ASN A 433 -18.30 -9.53 24.55
C ASN A 433 -19.08 -10.74 24.06
N GLN A 434 -19.71 -10.63 22.87
CA GLN A 434 -20.51 -11.70 22.27
C GLN A 434 -19.75 -12.58 21.30
N VAL A 435 -19.03 -11.94 20.37
CA VAL A 435 -18.26 -12.61 19.31
C VAL A 435 -16.80 -12.15 19.46
N GLU A 436 -15.90 -13.05 19.84
CA GLU A 436 -14.52 -12.66 20.18
C GLU A 436 -13.64 -12.58 18.94
N PHE A 437 -13.89 -11.59 18.09
CA PHE A 437 -13.09 -11.34 16.86
C PHE A 437 -11.69 -10.83 17.25
N ASP A 438 -10.76 -10.93 16.31
CA ASP A 438 -9.32 -10.72 16.56
C ASP A 438 -8.80 -9.56 15.69
N GLY A 439 -9.54 -9.25 14.64
CA GLY A 439 -9.15 -8.19 13.71
C GLY A 439 -10.42 -7.68 13.08
N ILE A 440 -10.31 -6.60 12.33
CA ILE A 440 -11.47 -5.83 11.86
C ILE A 440 -11.24 -5.44 10.41
N TRP A 441 -12.22 -5.72 9.55
CA TRP A 441 -12.15 -5.35 8.15
C TRP A 441 -13.17 -4.24 7.90
N ILE A 442 -12.68 -3.03 7.64
CA ILE A 442 -13.57 -1.87 7.41
C ILE A 442 -13.76 -1.71 5.90
N ASP A 443 -15.02 -1.71 5.48
CA ASP A 443 -15.36 -1.73 4.06
C ASP A 443 -16.30 -0.58 3.76
N MET A 444 -16.53 -0.32 2.46
CA MET A 444 -17.56 0.64 2.01
C MET A 444 -17.32 2.04 2.54
N ASN A 445 -16.04 2.39 2.77
CA ASN A 445 -15.75 3.60 3.54
C ASN A 445 -15.17 4.77 2.70
N GLU A 446 -15.55 4.79 1.41
CA GLU A 446 -15.24 5.91 0.51
C GLU A 446 -15.78 7.30 0.88
N VAL A 447 -17.00 7.45 1.45
CA VAL A 447 -17.94 6.41 1.85
C VAL A 447 -18.93 6.05 0.70
N SER A 448 -19.33 4.79 0.65
CA SER A 448 -20.13 4.24 -0.42
C SER A 448 -21.60 4.34 -0.02
N ASN A 449 -22.43 4.88 -0.92
CA ASN A 449 -23.86 5.14 -0.65
C ASN A 449 -24.61 4.55 -1.84
N PHE A 450 -25.64 3.74 -1.57
CA PHE A 450 -26.40 3.12 -2.66
C PHE A 450 -27.34 4.13 -3.35
N VAL A 451 -27.59 5.25 -2.70
CA VAL A 451 -28.24 6.37 -3.35
C VAL A 451 -27.20 7.47 -3.64
N ASP A 452 -27.55 8.41 -4.52
CA ASP A 452 -26.67 9.51 -4.86
C ASP A 452 -26.87 10.66 -3.90
N GLY A 453 -25.90 10.88 -3.03
CA GLY A 453 -25.92 11.99 -2.10
C GLY A 453 -26.68 11.71 -0.83
N SER A 454 -28.00 11.53 -0.95
CA SER A 454 -28.82 11.17 0.19
C SER A 454 -30.15 10.67 -0.35
N VAL A 455 -31.01 10.16 0.52
CA VAL A 455 -32.35 9.71 0.08
C VAL A 455 -33.18 10.84 -0.57
N SER A 456 -32.82 12.10 -0.31
CA SER A 456 -33.46 13.25 -0.99
C SER A 456 -32.62 13.84 -2.13
N GLY A 457 -31.64 13.08 -2.63
CA GLY A 457 -30.65 13.60 -3.60
C GLY A 457 -29.84 14.77 -3.02
N CYS A 458 -29.32 15.63 -3.89
CA CYS A 458 -28.47 16.76 -3.46
C CYS A 458 -28.98 18.08 -4.02
N SER A 459 -28.84 19.14 -3.25
CA SER A 459 -29.21 20.47 -3.73
C SER A 459 -28.24 20.95 -4.79
N THR A 460 -28.78 21.70 -5.76
CA THR A 460 -27.97 22.34 -6.79
C THR A 460 -27.25 23.50 -6.16
N ASN A 461 -25.92 23.46 -6.22
CA ASN A 461 -25.09 24.52 -5.65
C ASN A 461 -23.62 24.29 -6.07
N ASN A 462 -22.73 25.21 -5.71
CA ASN A 462 -21.35 25.15 -6.25
C ASN A 462 -20.54 23.98 -5.64
N LEU A 463 -21.05 23.36 -4.58
CA LEU A 463 -20.38 22.20 -3.95
C LEU A 463 -20.78 20.90 -4.64
N ASN A 464 -22.09 20.68 -4.77
CA ASN A 464 -22.60 19.48 -5.46
C ASN A 464 -22.39 19.50 -6.97
N ASN A 465 -22.33 20.72 -7.53
CA ASN A 465 -22.24 20.92 -8.96
C ASN A 465 -21.24 22.02 -9.24
N PRO A 466 -19.94 21.71 -9.05
CA PRO A 466 -18.86 22.70 -9.18
C PRO A 466 -18.61 23.23 -10.60
N PRO A 467 -17.92 24.39 -10.73
CA PRO A 467 -17.56 24.95 -12.04
C PRO A 467 -16.80 23.95 -12.93
N PHE A 468 -15.85 23.21 -12.33
CA PHE A 468 -15.07 22.15 -13.03
C PHE A 468 -15.19 20.83 -12.25
N THR A 469 -15.52 19.74 -12.96
CA THR A 469 -15.50 18.39 -12.39
C THR A 469 -14.40 17.57 -13.08
N PRO A 470 -13.46 17.01 -12.28
CA PRO A 470 -12.48 16.12 -12.89
C PRO A 470 -13.17 14.91 -13.50
N ARG A 471 -12.48 14.18 -14.38
CA ARG A 471 -13.08 13.06 -15.10
C ARG A 471 -13.31 11.80 -14.24
N ILE A 472 -13.95 12.03 -13.12
CA ILE A 472 -14.39 10.95 -12.24
C ILE A 472 -15.50 10.12 -12.88
N LEU A 473 -15.56 8.84 -12.51
CA LEU A 473 -16.59 7.92 -12.99
C LEU A 473 -17.99 8.53 -12.75
N ASP A 474 -18.82 8.58 -13.80
CA ASP A 474 -20.19 9.12 -13.76
C ASP A 474 -20.32 10.64 -13.78
N GLY A 475 -19.22 11.37 -13.56
CA GLY A 475 -19.15 12.82 -13.77
C GLY A 475 -19.92 13.71 -12.80
N TYR A 476 -20.29 13.17 -11.65
CA TYR A 476 -20.89 13.92 -10.56
C TYR A 476 -20.19 13.51 -9.27
N LEU A 477 -19.85 14.48 -8.43
CA LEU A 477 -19.14 14.24 -7.17
C LEU A 477 -19.91 13.38 -6.20
N PHE A 478 -21.23 13.59 -6.11
CA PHE A 478 -22.04 12.91 -5.12
C PHE A 478 -22.56 11.56 -5.61
N CYS A 479 -22.08 11.08 -6.77
CA CYS A 479 -22.45 9.77 -7.28
CA CYS A 479 -22.44 9.77 -7.31
C CYS A 479 -22.02 8.65 -6.35
N LYS A 480 -23.03 7.95 -5.82
CA LYS A 480 -22.82 6.79 -4.94
C LYS A 480 -22.00 7.15 -3.67
N THR A 481 -22.16 8.39 -3.22
CA THR A 481 -21.56 8.82 -1.97
C THR A 481 -22.44 9.86 -1.29
N LEU A 482 -21.89 10.60 -0.34
CA LEU A 482 -22.64 11.60 0.38
C LEU A 482 -22.69 12.92 -0.40
N CYS A 483 -23.72 13.69 -0.13
CA CYS A 483 -23.79 15.07 -0.56
C CYS A 483 -22.49 15.82 -0.24
N MET A 484 -22.03 16.60 -1.21
CA MET A 484 -20.82 17.40 -1.07
C MET A 484 -20.98 18.52 -0.08
N ASP A 485 -22.23 18.96 0.16
CA ASP A 485 -22.47 19.97 1.20
C ASP A 485 -22.77 19.39 2.58
N ALA A 486 -22.68 18.07 2.71
CA ALA A 486 -22.72 17.42 4.03
C ALA A 486 -21.58 17.92 4.95
N VAL A 487 -21.80 17.81 6.26
CA VAL A 487 -21.05 18.58 7.27
C VAL A 487 -20.47 17.63 8.33
N GLN A 488 -19.15 17.66 8.50
CA GLN A 488 -18.45 16.85 9.51
C GLN A 488 -17.62 17.78 10.39
N HIS A 489 -17.07 17.25 11.48
CA HIS A 489 -16.17 18.03 12.34
C HIS A 489 -14.96 18.69 11.60
N TRP A 490 -14.39 18.00 10.60
CA TRP A 490 -13.25 18.54 9.81
C TRP A 490 -13.64 19.46 8.69
N GLY A 491 -14.93 19.53 8.38
CA GLY A 491 -15.44 20.43 7.36
C GLY A 491 -16.51 19.78 6.52
N LYS A 492 -16.78 20.39 5.38
CA LYS A 492 -17.73 19.88 4.42
C LYS A 492 -17.16 18.71 3.61
N GLN A 493 -18.04 17.79 3.26
CA GLN A 493 -17.72 16.66 2.42
C GLN A 493 -16.92 17.02 1.16
N TYR A 494 -17.22 18.17 0.54
CA TYR A 494 -16.49 18.64 -0.64
C TYR A 494 -14.98 18.62 -0.38
N ASP A 495 -14.58 19.06 0.82
CA ASP A 495 -13.16 19.13 1.17
C ASP A 495 -12.60 17.84 1.77
N ILE A 496 -13.40 17.09 2.53
CA ILE A 496 -12.90 15.93 3.31
C ILE A 496 -13.42 14.57 2.87
N HIS A 497 -14.16 14.55 1.78
CA HIS A 497 -14.64 13.27 1.23
C HIS A 497 -13.50 12.19 1.18
N ASN A 498 -12.35 12.59 0.64
CA ASN A 498 -11.21 11.63 0.48
C ASN A 498 -10.56 11.21 1.81
N LEU A 499 -11.01 11.81 2.91
CA LEU A 499 -10.50 11.53 4.23
C LEU A 499 -11.41 10.62 5.05
N TYR A 500 -12.55 10.21 4.48
CA TYR A 500 -13.50 9.37 5.21
C TYR A 500 -12.88 8.06 5.68
N GLY A 501 -12.29 7.32 4.75
CA GLY A 501 -11.71 6.01 5.06
C GLY A 501 -10.51 6.13 5.97
N TYR A 502 -9.77 7.21 5.80
CA TYR A 502 -8.60 7.53 6.63
C TYR A 502 -9.01 7.80 8.10
N SER A 503 -10.01 8.65 8.30
CA SER A 503 -10.52 8.95 9.64
C SER A 503 -11.17 7.73 10.29
N MET A 504 -11.80 6.87 9.47
CA MET A 504 -12.39 5.61 9.92
C MET A 504 -11.33 4.66 10.43
N ALA A 505 -10.21 4.52 9.71
CA ALA A 505 -9.10 3.68 10.14
C ALA A 505 -8.46 4.20 11.41
N VAL A 506 -8.24 5.52 11.52
CA VAL A 506 -7.74 6.20 12.74
C VAL A 506 -8.63 5.85 13.94
N ALA A 507 -9.95 6.01 13.79
CA ALA A 507 -10.94 5.61 14.81
C ALA A 507 -10.99 4.12 15.13
N THR A 508 -10.84 3.25 14.13
CA THR A 508 -10.82 1.81 14.36
C THR A 508 -9.57 1.38 15.11
N ALA A 509 -8.46 2.06 14.83
CA ALA A 509 -7.23 1.78 15.57
C ALA A 509 -7.34 2.23 17.03
N GLU A 510 -8.00 3.36 17.25
CA GLU A 510 -8.36 3.85 18.58
C GLU A 510 -9.27 2.85 19.34
N ALA A 511 -10.35 2.36 18.70
CA ALA A 511 -11.12 1.22 19.23
C ALA A 511 -10.25 0.01 19.61
N ALA A 512 -9.27 -0.34 18.76
CA ALA A 512 -8.37 -1.47 19.06
C ALA A 512 -7.56 -1.27 20.36
N LYS A 513 -7.30 -0.02 20.76
CA LYS A 513 -6.55 0.25 22.00
C LYS A 513 -7.34 -0.30 23.20
N THR A 514 -8.67 -0.27 23.10
CA THR A 514 -9.58 -0.76 24.15
C THR A 514 -9.90 -2.24 24.00
N VAL A 515 -10.27 -2.67 22.78
CA VAL A 515 -10.73 -4.05 22.55
C VAL A 515 -9.60 -5.07 22.68
N PHE A 516 -8.40 -4.68 22.25
CA PHE A 516 -7.22 -5.55 22.31
C PHE A 516 -6.06 -4.82 23.02
N PRO A 517 -6.17 -4.63 24.37
CA PRO A 517 -5.16 -3.80 25.04
C PRO A 517 -3.74 -4.31 24.81
N ASN A 518 -2.85 -3.39 24.46
CA ASN A 518 -1.44 -3.70 24.26
C ASN A 518 -1.15 -4.60 23.01
N LYS A 519 -2.15 -4.81 22.14
CA LYS A 519 -2.01 -5.63 20.92
C LYS A 519 -2.09 -4.82 19.62
N ARG A 520 -1.48 -5.32 18.55
CA ARG A 520 -1.59 -4.66 17.25
C ARG A 520 -2.95 -4.93 16.66
N SER A 521 -3.42 -6.18 16.85
CA SER A 521 -4.60 -6.72 16.20
C SER A 521 -4.34 -6.70 14.67
N PHE A 522 -5.35 -6.30 13.90
CA PHE A 522 -5.30 -6.24 12.42
C PHE A 522 -6.46 -5.40 11.93
N ILE A 523 -6.18 -4.40 11.11
CA ILE A 523 -7.23 -3.60 10.49
C ILE A 523 -6.99 -3.63 8.98
N LEU A 524 -7.99 -4.06 8.21
CA LEU A 524 -7.94 -4.05 6.73
C LEU A 524 -8.95 -3.00 6.23
N THR A 525 -8.53 -2.04 5.41
CA THR A 525 -9.43 -0.96 4.93
C THR A 525 -9.57 -0.98 3.41
N ARG A 526 -10.75 -0.60 2.93
CA ARG A 526 -10.91 -0.30 1.49
C ARG A 526 -10.43 1.11 1.11
N SER A 527 -11.10 2.16 1.60
CA SER A 527 -10.69 3.54 1.30
C SER A 527 -9.42 3.96 2.07
N THR A 528 -8.54 4.66 1.40
CA THR A 528 -7.32 5.16 2.07
C THR A 528 -7.03 6.58 1.59
N PHE A 529 -6.19 7.28 2.35
CA PHE A 529 -5.59 8.53 1.96
C PHE A 529 -4.13 8.34 2.31
N ALA A 530 -3.30 9.30 1.90
CA ALA A 530 -1.88 9.28 2.32
C ALA A 530 -1.72 9.14 3.81
N GLY A 531 -0.95 8.14 4.24
CA GLY A 531 -0.77 7.88 5.66
C GLY A 531 -1.67 6.83 6.28
N SER A 532 -2.64 6.29 5.51
CA SER A 532 -3.51 5.23 6.00
C SER A 532 -2.75 3.98 6.46
N GLY A 533 -1.61 3.70 5.84
CA GLY A 533 -0.78 2.53 6.24
C GLY A 533 -0.25 2.54 7.68
N LYS A 534 -0.26 3.71 8.34
CA LYS A 534 0.06 3.81 9.79
C LYS A 534 -0.96 3.05 10.67
N PHE A 535 -2.14 2.73 10.11
CA PHE A 535 -3.29 2.19 10.85
C PHE A 535 -3.83 0.89 10.28
N ALA A 536 -3.65 0.68 8.97
CA ALA A 536 -4.37 -0.36 8.32
C ALA A 536 -3.63 -0.97 7.15
N ALA A 537 -3.92 -2.26 6.93
CA ALA A 537 -3.67 -2.96 5.64
C ALA A 537 -4.72 -2.55 4.60
N HIS A 538 -4.46 -2.89 3.34
CA HIS A 538 -5.33 -2.57 2.22
C HIS A 538 -5.51 -3.81 1.33
N TRP A 539 -6.72 -3.98 0.77
CA TRP A 539 -6.83 -4.90 -0.37
C TRP A 539 -7.35 -4.18 -1.61
N LEU A 540 -7.06 -4.71 -2.80
CA LEU A 540 -7.28 -3.97 -4.04
C LEU A 540 -8.76 -3.94 -4.52
N GLY A 541 -9.66 -4.50 -3.71
CA GLY A 541 -11.08 -4.23 -3.92
C GLY A 541 -11.76 -5.32 -4.68
N ASP A 542 -12.91 -4.97 -5.30
CA ASP A 542 -13.73 -5.96 -6.00
C ASP A 542 -13.24 -6.25 -7.42
N ASN A 543 -12.22 -7.09 -7.54
CA ASN A 543 -11.73 -7.55 -8.80
C ASN A 543 -12.63 -8.67 -9.37
N THR A 544 -12.12 -9.29 -10.43
CA THR A 544 -12.88 -10.24 -11.21
C THR A 544 -11.94 -11.40 -11.49
N ALA A 545 -12.51 -12.61 -11.61
CA ALA A 545 -11.78 -13.83 -11.93
C ALA A 545 -11.40 -13.89 -13.43
N THR A 546 -10.47 -13.03 -13.83
CA THR A 546 -9.94 -13.01 -15.20
C THR A 546 -8.41 -12.94 -15.15
N TRP A 547 -7.75 -13.46 -16.19
CA TRP A 547 -6.32 -13.25 -16.41
C TRP A 547 -5.84 -11.78 -16.44
N ASP A 548 -6.69 -10.85 -16.94
CA ASP A 548 -6.40 -9.44 -16.89
C ASP A 548 -6.22 -9.00 -15.43
N ASP A 549 -7.18 -9.34 -14.57
CA ASP A 549 -7.13 -8.93 -13.17
C ASP A 549 -5.89 -9.50 -12.46
N LEU A 550 -5.49 -10.71 -12.82
CA LEU A 550 -4.31 -11.33 -12.22
C LEU A 550 -3.09 -10.45 -12.52
N ARG A 551 -2.86 -10.18 -13.83
CA ARG A 551 -1.74 -9.33 -14.26
C ARG A 551 -1.75 -7.95 -13.60
N TRP A 552 -2.94 -7.34 -13.52
CA TRP A 552 -3.09 -5.98 -12.99
C TRP A 552 -2.80 -5.88 -11.51
N SER A 553 -2.88 -7.02 -10.81
CA SER A 553 -2.61 -7.03 -9.38
C SER A 553 -1.17 -6.63 -9.04
N ILE A 554 -0.18 -7.07 -9.81
CA ILE A 554 1.21 -6.73 -9.44
C ILE A 554 1.52 -5.20 -9.33
N PRO A 555 1.29 -4.42 -10.40
CA PRO A 555 1.45 -2.96 -10.20
C PRO A 555 0.68 -2.36 -9.01
N GLY A 556 -0.53 -2.85 -8.73
CA GLY A 556 -1.34 -2.34 -7.61
C GLY A 556 -0.64 -2.60 -6.29
N VAL A 557 -0.12 -3.81 -6.12
CA VAL A 557 0.64 -4.13 -4.92
C VAL A 557 1.89 -3.26 -4.80
N LEU A 558 2.63 -3.09 -5.90
CA LEU A 558 3.88 -2.28 -5.86
C LEU A 558 3.60 -0.85 -5.48
N GLU A 559 2.53 -0.30 -6.08
CA GLU A 559 2.13 1.07 -5.84
C GLU A 559 1.77 1.31 -4.37
N PHE A 560 1.02 0.40 -3.77
CA PHE A 560 0.66 0.58 -2.36
C PHE A 560 1.86 0.46 -1.42
N ASN A 561 2.87 -0.27 -1.87
CA ASN A 561 4.11 -0.26 -1.08
C ASN A 561 4.82 1.11 -1.12
N LEU A 562 4.86 1.76 -2.30
CA LEU A 562 5.36 3.14 -2.43
C LEU A 562 4.59 4.04 -1.49
N PHE A 563 3.30 3.76 -1.35
CA PHE A 563 2.39 4.59 -0.50
C PHE A 563 2.45 4.33 1.02
N GLY A 564 3.33 3.43 1.45
CA GLY A 564 3.48 3.09 2.85
C GLY A 564 2.38 2.19 3.40
N ILE A 565 1.72 1.44 2.50
CA ILE A 565 0.76 0.40 2.90
C ILE A 565 1.24 -0.89 2.35
N PRO A 566 2.33 -1.44 2.94
CA PRO A 566 2.95 -2.63 2.33
C PRO A 566 2.14 -3.92 2.44
N MET A 567 1.29 -4.02 3.47
CA MET A 567 0.40 -5.15 3.56
C MET A 567 -0.83 -4.95 2.67
N VAL A 568 -0.71 -5.41 1.42
CA VAL A 568 -1.67 -5.15 0.35
C VAL A 568 -1.74 -6.39 -0.55
N GLY A 569 -2.93 -6.67 -1.07
CA GLY A 569 -3.09 -7.76 -1.98
C GLY A 569 -4.47 -7.64 -2.57
N PRO A 570 -4.74 -8.36 -3.66
CA PRO A 570 -6.11 -8.39 -4.19
C PRO A 570 -6.88 -9.54 -3.54
N ASP A 571 -8.11 -9.78 -4.02
CA ASP A 571 -8.85 -11.02 -3.70
C ASP A 571 -8.31 -12.09 -4.59
N ILE A 572 -7.55 -13.03 -4.00
CA ILE A 572 -6.94 -14.08 -4.74
C ILE A 572 -8.05 -14.95 -5.38
N CYS A 573 -7.84 -15.26 -6.65
CA CYS A 573 -8.75 -16.01 -7.52
C CYS A 573 -9.87 -15.16 -8.14
N GLY A 574 -10.06 -13.95 -7.64
CA GLY A 574 -11.02 -12.99 -8.20
C GLY A 574 -12.32 -12.99 -7.42
N PHE A 575 -12.76 -11.82 -6.98
CA PHE A 575 -14.00 -11.63 -6.24
C PHE A 575 -15.20 -11.99 -7.15
N ALA A 576 -15.42 -11.21 -8.20
CA ALA A 576 -16.55 -11.42 -9.13
C ALA A 576 -16.27 -12.60 -10.05
N LEU A 577 -17.33 -13.39 -10.30
CA LEU A 577 -17.32 -14.54 -11.21
C LEU A 577 -16.82 -15.83 -10.62
N ASP A 578 -17.27 -16.93 -11.24
CA ASP A 578 -16.65 -18.24 -11.04
C ASP A 578 -15.24 -18.20 -11.56
N THR A 579 -14.31 -18.74 -10.76
CA THR A 579 -12.93 -18.79 -11.17
C THR A 579 -12.63 -20.11 -11.90
N PRO A 580 -11.96 -20.02 -13.08
CA PRO A 580 -11.47 -21.22 -13.74
C PRO A 580 -10.40 -21.85 -12.85
N GLU A 581 -10.34 -23.19 -12.79
CA GLU A 581 -9.28 -23.88 -12.04
C GLU A 581 -7.87 -23.39 -12.42
N GLU A 582 -7.60 -23.20 -13.71
CA GLU A 582 -6.24 -22.86 -14.12
C GLU A 582 -5.88 -21.47 -13.61
N LEU A 583 -6.79 -20.51 -13.77
CA LEU A 583 -6.56 -19.15 -13.26
C LEU A 583 -6.38 -19.17 -11.74
N CYS A 584 -7.28 -19.85 -11.05
CA CYS A 584 -7.15 -19.95 -9.57
C CYS A 584 -5.84 -20.61 -9.08
N ARG A 585 -5.41 -21.67 -9.75
CA ARG A 585 -4.14 -22.31 -9.46
C ARG A 585 -2.97 -21.33 -9.62
N ARG A 586 -2.89 -20.62 -10.76
CA ARG A 586 -1.80 -19.61 -10.97
C ARG A 586 -1.91 -18.46 -9.98
N TRP A 587 -3.15 -18.08 -9.69
CA TRP A 587 -3.39 -16.99 -8.73
C TRP A 587 -3.03 -17.35 -7.30
N MET A 588 -3.32 -18.58 -6.88
CA MET A 588 -2.89 -19.07 -5.56
CA MET A 588 -2.89 -19.03 -5.56
C MET A 588 -1.38 -19.13 -5.43
N GLN A 589 -0.71 -19.56 -6.52
CA GLN A 589 0.76 -19.60 -6.60
C GLN A 589 1.38 -18.20 -6.42
N LEU A 590 0.90 -17.21 -7.18
CA LEU A 590 1.32 -15.82 -6.97
C LEU A 590 0.88 -15.34 -5.61
N GLY A 591 -0.36 -15.69 -5.24
CA GLY A 591 -0.98 -15.25 -4.00
C GLY A 591 -0.27 -15.65 -2.74
N ALA A 592 0.43 -16.78 -2.77
CA ALA A 592 1.27 -17.21 -1.67
C ALA A 592 2.38 -16.18 -1.38
N PHE A 593 2.55 -15.19 -2.29
CA PHE A 593 3.61 -14.15 -2.16
C PHE A 593 3.15 -12.68 -2.20
N TYR A 594 1.85 -12.42 -2.19
CA TYR A 594 1.39 -11.06 -1.92
C TYR A 594 1.67 -10.77 -0.45
N PRO A 595 2.10 -9.54 -0.12
CA PRO A 595 2.26 -9.20 1.29
C PRO A 595 1.01 -9.44 2.18
N PHE A 596 -0.19 -9.04 1.72
CA PHE A 596 -1.50 -9.50 2.27
C PHE A 596 -2.07 -10.62 1.35
N SER A 597 -2.21 -11.83 1.90
CA SER A 597 -2.60 -13.04 1.15
C SER A 597 -3.97 -13.48 1.56
N ARG A 598 -4.98 -13.10 0.79
CA ARG A 598 -6.33 -13.52 1.10
C ARG A 598 -7.07 -14.01 -0.16
N ASN A 599 -7.68 -15.18 -0.04
CA ASN A 599 -8.63 -15.71 -1.04
C ASN A 599 -9.98 -15.21 -0.57
N HIS A 600 -10.63 -14.43 -1.41
CA HIS A 600 -11.97 -13.91 -1.11
C HIS A 600 -12.82 -14.01 -2.39
N ASN A 601 -14.14 -14.17 -2.24
CA ASN A 601 -15.04 -14.50 -3.35
C ASN A 601 -16.35 -13.75 -3.16
N GLY A 602 -16.98 -13.38 -4.26
CA GLY A 602 -18.25 -12.64 -4.22
C GLY A 602 -19.43 -13.56 -3.93
N GLN A 603 -20.61 -12.94 -3.80
CA GLN A 603 -21.87 -13.62 -3.49
C GLN A 603 -22.29 -14.48 -4.70
N GLY A 604 -22.57 -15.75 -4.41
CA GLY A 604 -23.24 -16.62 -5.38
C GLY A 604 -22.32 -17.45 -6.24
N TYR A 605 -21.07 -17.01 -6.39
CA TYR A 605 -20.15 -17.69 -7.31
C TYR A 605 -19.68 -19.06 -6.80
N LYS A 606 -19.19 -19.90 -7.71
CA LYS A 606 -18.73 -21.19 -7.29
C LYS A 606 -17.64 -21.00 -6.22
N ASP A 607 -17.55 -21.94 -5.29
CA ASP A 607 -16.53 -21.90 -4.27
C ASP A 607 -15.16 -21.82 -4.92
N GLN A 608 -14.27 -21.08 -4.27
CA GLN A 608 -12.90 -21.02 -4.76
C GLN A 608 -11.85 -21.15 -3.66
N ASP A 609 -12.23 -21.63 -2.48
CA ASP A 609 -11.31 -21.97 -1.44
C ASP A 609 -10.46 -23.12 -1.95
N PRO A 610 -9.18 -23.15 -1.55
CA PRO A 610 -8.30 -24.12 -2.19
C PRO A 610 -8.77 -25.59 -2.11
N ALA A 611 -9.30 -26.01 -0.95
CA ALA A 611 -9.71 -27.40 -0.77
C ALA A 611 -10.98 -27.78 -1.56
N SER A 612 -11.76 -26.78 -1.96
CA SER A 612 -12.96 -26.98 -2.79
C SER A 612 -12.63 -27.56 -4.16
N PHE A 613 -11.36 -27.46 -4.58
CA PHE A 613 -10.96 -27.98 -5.88
C PHE A 613 -10.69 -29.48 -5.81
N GLY A 614 -10.72 -30.03 -4.59
CA GLY A 614 -10.49 -31.45 -4.39
C GLY A 614 -9.29 -31.79 -3.55
N ALA A 615 -9.45 -32.76 -2.66
CA ALA A 615 -8.44 -33.10 -1.66
C ALA A 615 -7.14 -33.60 -2.25
N ASP A 616 -7.21 -34.09 -3.48
CA ASP A 616 -6.02 -34.55 -4.19
C ASP A 616 -5.76 -33.73 -5.46
N SER A 617 -6.39 -32.54 -5.55
CA SER A 617 -6.21 -31.70 -6.75
C SER A 617 -4.84 -31.05 -6.84
N LEU A 618 -4.45 -30.72 -8.07
CA LEU A 618 -3.18 -30.00 -8.32
C LEU A 618 -3.25 -28.61 -7.68
N LEU A 619 -4.41 -27.95 -7.76
CA LEU A 619 -4.55 -26.60 -7.19
C LEU A 619 -4.38 -26.64 -5.66
N LEU A 620 -5.03 -27.59 -4.99
CA LEU A 620 -4.77 -27.76 -3.55
C LEU A 620 -3.32 -28.12 -3.26
N ASN A 621 -2.72 -29.04 -4.00
CA ASN A 621 -1.36 -29.45 -3.68
C ASN A 621 -0.37 -28.34 -3.89
N SER A 622 -0.55 -27.61 -4.99
CA SER A 622 0.36 -26.53 -5.33
C SER A 622 0.17 -25.39 -4.35
N SER A 623 -1.09 -25.16 -3.96
CA SER A 623 -1.43 -24.12 -3.00
C SER A 623 -0.77 -24.37 -1.67
N ARG A 624 -0.91 -25.61 -1.17
CA ARG A 624 -0.31 -26.00 0.10
C ARG A 624 1.19 -25.85 0.00
N HIS A 625 1.75 -26.32 -1.11
CA HIS A 625 3.21 -26.28 -1.35
C HIS A 625 3.80 -24.87 -1.23
N TYR A 626 3.19 -23.93 -1.95
CA TYR A 626 3.67 -22.54 -1.96
C TYR A 626 3.31 -21.75 -0.70
N LEU A 627 2.14 -21.99 -0.13
CA LEU A 627 1.83 -21.47 1.20
CA LEU A 627 1.85 -21.47 1.21
C LEU A 627 2.82 -21.98 2.27
N ASN A 628 3.27 -23.24 2.15
CA ASN A 628 4.32 -23.76 3.03
C ASN A 628 5.66 -23.03 2.84
N ILE A 629 6.02 -22.68 1.59
CA ILE A 629 7.17 -21.80 1.37
C ILE A 629 6.98 -20.39 1.94
N ARG A 630 5.84 -19.74 1.67
CA ARG A 630 5.52 -18.48 2.36
C ARG A 630 5.70 -18.56 3.87
N TYR A 631 5.17 -19.61 4.52
CA TYR A 631 5.27 -19.68 5.98
C TYR A 631 6.72 -19.92 6.42
N THR A 632 7.46 -20.73 5.66
CA THR A 632 8.89 -20.93 5.92
C THR A 632 9.68 -19.60 5.93
N LEU A 633 9.31 -18.74 5.00
CA LEU A 633 10.01 -17.47 4.81
CA LEU A 633 9.97 -17.45 4.76
C LEU A 633 9.38 -16.33 5.62
N LEU A 634 8.46 -16.66 6.51
CA LEU A 634 7.86 -15.60 7.34
C LEU A 634 8.82 -14.79 8.22
N PRO A 635 9.87 -15.43 8.79
CA PRO A 635 10.82 -14.59 9.52
C PRO A 635 11.50 -13.51 8.67
N TYR A 636 11.80 -13.84 7.42
CA TYR A 636 12.34 -12.90 6.45
C TYR A 636 11.28 -11.87 6.08
N LEU A 637 10.07 -12.29 5.73
CA LEU A 637 8.96 -11.32 5.47
C LEU A 637 8.68 -10.39 6.67
N TYR A 638 8.62 -10.95 7.88
CA TYR A 638 8.36 -10.14 9.10
C TYR A 638 9.43 -9.08 9.33
N THR A 639 10.68 -9.49 9.11
CA THR A 639 11.82 -8.58 9.17
C THR A 639 11.73 -7.49 8.10
N LEU A 640 11.21 -7.80 6.92
CA LEU A 640 10.95 -6.76 5.93
C LEU A 640 9.90 -5.77 6.45
N PHE A 641 8.84 -6.24 7.12
CA PHE A 641 7.81 -5.32 7.67
C PHE A 641 8.38 -4.49 8.81
N PHE A 642 9.29 -5.05 9.60
CA PHE A 642 10.02 -4.29 10.62
C PHE A 642 10.78 -3.11 9.98
N ARG A 643 11.53 -3.39 8.92
CA ARG A 643 12.25 -2.32 8.17
C ARG A 643 11.27 -1.29 7.58
N ALA A 644 10.14 -1.76 7.05
CA ALA A 644 9.15 -0.83 6.52
C ALA A 644 8.63 0.07 7.65
N HIS A 645 8.32 -0.53 8.81
CA HIS A 645 7.85 0.23 9.97
C HIS A 645 8.86 1.19 10.59
N SER A 646 10.11 0.74 10.73
CA SER A 646 11.16 1.51 11.44
C SER A 646 11.93 2.47 10.50
N ARG A 647 12.06 2.11 9.22
CA ARG A 647 12.95 2.87 8.31
C ARG A 647 12.29 3.33 7.02
N GLY A 648 11.17 2.68 6.66
CA GLY A 648 10.33 3.10 5.53
C GLY A 648 10.57 2.35 4.23
N ASP A 649 11.36 1.28 4.28
CA ASP A 649 11.59 0.38 3.11
C ASP A 649 10.32 -0.25 2.58
N THR A 650 10.24 -0.51 1.28
CA THR A 650 9.15 -1.32 0.75
C THR A 650 9.29 -2.82 1.11
N VAL A 651 8.18 -3.55 1.02
CA VAL A 651 8.19 -4.99 1.27
C VAL A 651 8.10 -5.74 -0.07
N ALA A 652 7.01 -5.58 -0.81
CA ALA A 652 6.94 -6.04 -2.21
C ALA A 652 7.59 -4.91 -2.98
N ARG A 653 8.65 -5.26 -3.71
CA ARG A 653 9.53 -4.24 -4.21
C ARG A 653 9.71 -4.41 -5.71
N PRO A 654 9.68 -3.29 -6.47
CA PRO A 654 9.91 -3.43 -7.91
C PRO A 654 11.38 -3.84 -8.16
N LEU A 655 11.65 -4.61 -9.18
CA LEU A 655 13.06 -4.93 -9.52
CA LEU A 655 13.04 -4.91 -9.59
C LEU A 655 13.93 -3.68 -9.69
N LEU A 656 13.38 -2.60 -10.23
CA LEU A 656 14.12 -1.38 -10.50
C LEU A 656 14.64 -0.74 -9.22
N HIS A 657 14.04 -1.08 -8.06
CA HIS A 657 14.53 -0.49 -6.83
C HIS A 657 15.87 -1.09 -6.43
N GLU A 658 16.11 -2.34 -6.79
CA GLU A 658 17.41 -2.96 -6.52
C GLU A 658 18.34 -2.90 -7.71
N PHE A 659 17.74 -2.79 -8.87
CA PHE A 659 18.50 -2.90 -10.12
C PHE A 659 18.37 -1.71 -11.05
N TYR A 660 18.24 -0.51 -10.49
CA TYR A 660 18.05 0.75 -11.26
C TYR A 660 19.18 1.04 -12.25
N GLU A 661 20.36 0.45 -12.02
CA GLU A 661 21.50 0.67 -12.93
C GLU A 661 21.25 0.05 -14.30
N ASP A 662 20.30 -0.89 -14.33
CA ASP A 662 19.94 -1.68 -15.52
C ASP A 662 18.59 -1.23 -16.07
N ASN A 663 18.61 -0.46 -17.16
CA ASN A 663 17.35 0.08 -17.70
C ASN A 663 16.33 -0.96 -18.21
N SER A 664 16.73 -2.21 -18.34
CA SER A 664 15.76 -3.30 -18.65
C SER A 664 14.83 -3.69 -17.50
N THR A 665 15.12 -3.17 -16.32
CA THR A 665 14.27 -3.38 -15.14
C THR A 665 13.19 -2.30 -14.99
N TRP A 666 13.34 -1.17 -15.71
CA TRP A 666 12.55 0.06 -15.47
C TRP A 666 11.05 -0.08 -15.72
N ASP A 667 10.66 -0.96 -16.63
CA ASP A 667 9.22 -1.26 -16.76
C ASP A 667 8.81 -2.72 -16.52
N VAL A 668 9.68 -3.50 -15.90
CA VAL A 668 9.29 -4.83 -15.47
C VAL A 668 8.17 -4.67 -14.42
N HIS A 669 7.03 -5.27 -14.68
CA HIS A 669 5.88 -5.25 -13.77
C HIS A 669 5.20 -6.63 -13.65
N GLN A 670 5.77 -7.66 -14.28
CA GLN A 670 5.14 -9.00 -14.20
C GLN A 670 5.90 -9.85 -13.21
N GLN A 671 6.91 -9.22 -12.58
CA GLN A 671 7.76 -9.84 -11.57
C GLN A 671 7.91 -8.82 -10.44
N PHE A 672 8.21 -9.31 -9.26
CA PHE A 672 8.61 -8.42 -8.17
C PHE A 672 9.52 -9.09 -7.16
N LEU A 673 10.04 -8.31 -6.21
CA LEU A 673 10.88 -8.86 -5.12
C LEU A 673 10.15 -8.79 -3.78
N TRP A 674 10.43 -9.74 -2.90
CA TRP A 674 10.27 -9.54 -1.46
C TRP A 674 11.56 -8.92 -0.95
N GLY A 675 11.53 -7.65 -0.55
CA GLY A 675 12.74 -7.00 -0.06
C GLY A 675 13.83 -7.02 -1.15
N PRO A 676 15.09 -7.17 -0.75
CA PRO A 676 16.19 -7.17 -1.73
C PRO A 676 16.54 -8.50 -2.44
N GLY A 677 16.06 -9.63 -1.88
CA GLY A 677 16.72 -10.94 -2.08
C GLY A 677 15.93 -12.04 -2.76
N LEU A 678 14.63 -11.91 -2.82
CA LEU A 678 13.75 -12.98 -3.33
C LEU A 678 13.00 -12.52 -4.56
N LEU A 679 13.28 -13.19 -5.68
CA LEU A 679 12.65 -12.85 -6.96
C LEU A 679 11.48 -13.77 -7.25
N ILE A 680 10.33 -13.17 -7.53
CA ILE A 680 9.09 -13.91 -7.78
C ILE A 680 8.65 -13.71 -9.22
N THR A 681 8.55 -14.83 -9.94
CA THR A 681 8.21 -14.84 -11.36
C THR A 681 7.01 -15.74 -11.60
N PRO A 682 5.80 -15.18 -11.57
CA PRO A 682 4.65 -15.99 -11.82
C PRO A 682 4.34 -16.17 -13.31
N VAL A 683 3.65 -17.26 -13.61
CA VAL A 683 2.94 -17.42 -14.89
C VAL A 683 1.61 -16.64 -14.79
N LEU A 684 1.44 -15.70 -15.73
CA LEU A 684 0.30 -14.78 -15.75
C LEU A 684 -0.52 -14.88 -17.04
N ASP A 685 -0.20 -15.89 -17.86
CA ASP A 685 -0.89 -16.13 -19.14
C ASP A 685 -1.62 -17.47 -19.23
N GLU A 686 -2.89 -17.38 -19.61
CA GLU A 686 -3.72 -18.56 -19.75
C GLU A 686 -3.10 -19.54 -20.74
N GLY A 687 -2.99 -20.80 -20.35
CA GLY A 687 -2.43 -21.85 -21.18
C GLY A 687 -0.94 -22.02 -21.09
N ALA A 688 -0.25 -21.07 -20.48
CA ALA A 688 1.20 -21.07 -20.47
C ALA A 688 1.87 -21.96 -19.41
N GLU A 689 2.99 -22.56 -19.78
CA GLU A 689 3.83 -23.37 -18.90
C GLU A 689 5.22 -22.79 -18.91
N LYS A 690 5.30 -21.54 -19.29
CA LYS A 690 6.53 -20.81 -19.21
C LYS A 690 6.18 -19.35 -19.08
N VAL A 691 7.18 -18.54 -18.81
CA VAL A 691 6.99 -17.11 -18.71
C VAL A 691 8.22 -16.39 -19.24
N MET A 692 8.01 -15.31 -20.02
CA MET A 692 9.10 -14.43 -20.42
C MET A 692 9.42 -13.57 -19.21
N ALA A 693 10.65 -13.68 -18.73
CA ALA A 693 11.03 -13.01 -17.50
C ALA A 693 12.36 -12.31 -17.64
N TYR A 694 12.58 -11.29 -16.81
CA TYR A 694 13.87 -10.65 -16.75
C TYR A 694 14.63 -11.11 -15.51
N VAL A 695 15.88 -11.50 -15.75
CA VAL A 695 16.78 -11.92 -14.70
C VAL A 695 17.78 -10.78 -14.53
N PRO A 696 17.70 -10.08 -13.39
CA PRO A 696 18.63 -8.96 -13.12
C PRO A 696 20.09 -9.36 -13.00
N ASP A 697 20.92 -8.33 -12.96
CA ASP A 697 22.37 -8.47 -12.91
C ASP A 697 22.88 -8.92 -11.53
N ALA A 698 22.68 -10.19 -11.22
CA ALA A 698 23.05 -10.75 -9.92
C ALA A 698 23.18 -12.28 -10.08
N VAL A 699 23.86 -12.92 -9.15
CA VAL A 699 23.79 -14.38 -8.98
C VAL A 699 22.37 -14.73 -8.49
N TRP A 700 21.74 -15.71 -9.11
CA TRP A 700 20.41 -16.16 -8.67
C TRP A 700 20.43 -17.66 -8.41
N TYR A 701 19.73 -18.07 -7.35
CA TYR A 701 19.54 -19.50 -7.05
C TYR A 701 18.06 -19.88 -7.03
N ASP A 702 17.75 -20.95 -7.71
CA ASP A 702 16.45 -21.60 -7.62
C ASP A 702 16.18 -21.94 -6.16
N TYR A 703 15.05 -21.45 -5.64
CA TYR A 703 14.76 -21.60 -4.22
C TYR A 703 14.62 -23.06 -3.80
N GLU A 704 13.91 -23.85 -4.60
CA GLU A 704 13.63 -25.24 -4.23
C GLU A 704 14.85 -26.17 -4.37
N THR A 705 15.66 -25.98 -5.41
CA THR A 705 16.82 -26.87 -5.63
C THR A 705 18.16 -26.33 -5.12
N GLY A 706 18.26 -25.00 -5.02
CA GLY A 706 19.46 -24.37 -4.50
C GLY A 706 20.46 -24.15 -5.61
N SER A 707 20.13 -24.62 -6.81
CA SER A 707 21.07 -24.57 -7.93
C SER A 707 21.11 -23.17 -8.60
N GLN A 708 22.33 -22.73 -8.91
CA GLN A 708 22.61 -21.44 -9.55
C GLN A 708 22.16 -21.42 -10.99
N VAL A 709 21.36 -20.41 -11.34
CA VAL A 709 20.88 -20.33 -12.69
C VAL A 709 22.02 -19.84 -13.58
N ARG A 710 21.94 -20.19 -14.86
CA ARG A 710 22.90 -19.74 -15.85
C ARG A 710 22.64 -18.27 -16.16
N TRP A 711 21.36 -17.88 -16.08
CA TRP A 711 20.89 -16.56 -16.48
C TRP A 711 21.52 -15.42 -15.69
N ARG A 712 21.77 -14.28 -16.35
CA ARG A 712 22.21 -13.06 -15.67
C ARG A 712 22.05 -11.82 -16.57
N LYS A 713 21.32 -10.82 -16.06
CA LYS A 713 21.12 -9.55 -16.77
C LYS A 713 20.61 -9.83 -18.20
N GLN A 714 19.54 -10.61 -18.28
CA GLN A 714 19.00 -11.07 -19.56
C GLN A 714 17.54 -11.48 -19.48
N LYS A 715 16.86 -11.35 -20.62
CA LYS A 715 15.52 -11.86 -20.78
C LYS A 715 15.64 -13.36 -20.99
N VAL A 716 14.81 -14.13 -20.30
CA VAL A 716 14.73 -15.58 -20.46
C VAL A 716 13.30 -16.05 -20.60
N GLU A 717 13.10 -17.23 -21.21
CA GLU A 717 11.83 -17.98 -21.09
C GLU A 717 11.99 -18.96 -19.94
N MET A 718 11.38 -18.61 -18.79
CA MET A 718 11.46 -19.45 -17.62
CA MET A 718 11.43 -19.45 -17.60
C MET A 718 10.42 -20.56 -17.73
N GLU A 719 10.86 -21.78 -17.59
CA GLU A 719 9.96 -22.92 -17.76
C GLU A 719 9.22 -23.15 -16.46
N LEU A 720 7.91 -22.99 -16.49
CA LEU A 720 7.12 -23.05 -15.27
C LEU A 720 5.82 -23.80 -15.52
N PRO A 721 5.84 -25.13 -15.29
CA PRO A 721 4.69 -26.05 -15.47
C PRO A 721 3.55 -25.71 -14.52
N GLY A 722 2.46 -26.45 -14.64
CA GLY A 722 1.25 -26.17 -13.88
C GLY A 722 1.42 -26.07 -12.36
N ASP A 723 2.40 -26.75 -11.78
CA ASP A 723 2.58 -26.72 -10.33
C ASP A 723 3.74 -25.82 -9.87
N LYS A 724 4.16 -24.85 -10.70
CA LYS A 724 5.37 -24.03 -10.42
C LYS A 724 5.23 -22.52 -10.58
N ILE A 725 5.78 -21.79 -9.62
CA ILE A 725 5.98 -20.37 -9.75
C ILE A 725 7.49 -20.17 -9.62
N GLY A 726 8.04 -19.22 -10.37
CA GLY A 726 9.47 -18.96 -10.29
C GLY A 726 9.82 -18.29 -8.97
N LEU A 727 10.80 -18.82 -8.27
CA LEU A 727 11.27 -18.24 -7.02
C LEU A 727 12.80 -18.39 -6.99
N HIS A 728 13.51 -17.26 -6.97
CA HIS A 728 14.97 -17.24 -6.96
C HIS A 728 15.52 -16.39 -5.85
N LEU A 729 16.59 -16.87 -5.23
CA LEU A 729 17.22 -16.15 -4.14
CA LEU A 729 17.23 -16.17 -4.12
C LEU A 729 18.47 -15.48 -4.67
N ARG A 730 18.65 -14.22 -4.28
CA ARG A 730 19.77 -13.39 -4.79
C ARG A 730 21.06 -13.65 -4.05
N GLY A 731 22.16 -13.85 -4.79
CA GLY A 731 23.46 -13.96 -4.11
C GLY A 731 23.87 -12.69 -3.37
N GLY A 732 24.44 -12.85 -2.18
CA GLY A 732 24.84 -11.75 -1.30
C GLY A 732 23.90 -11.62 -0.11
N TYR A 733 22.90 -12.48 -0.06
CA TYR A 733 21.82 -12.41 0.94
C TYR A 733 21.62 -13.67 1.79
N ILE A 734 21.35 -13.43 3.06
CA ILE A 734 21.03 -14.49 4.03
C ILE A 734 19.56 -14.39 4.49
N PHE A 735 18.82 -15.49 4.34
CA PHE A 735 17.35 -15.49 4.58
C PHE A 735 17.04 -16.31 5.82
N PRO A 736 16.53 -15.67 6.90
CA PRO A 736 16.11 -16.50 8.04
C PRO A 736 14.82 -17.22 7.76
N THR A 737 14.73 -18.48 8.21
CA THR A 737 13.54 -19.27 7.96
C THR A 737 13.09 -19.92 9.27
N GLN A 738 11.87 -20.45 9.26
CA GLN A 738 11.34 -21.23 10.37
C GLN A 738 10.46 -22.38 9.84
N GLN A 739 10.66 -23.60 10.36
CA GLN A 739 9.91 -24.78 9.87
C GLN A 739 8.42 -24.41 9.86
N PRO A 740 7.77 -24.58 8.72
CA PRO A 740 6.38 -24.18 8.59
C PRO A 740 5.44 -25.10 9.43
N ASN A 741 4.28 -24.56 9.77
CA ASN A 741 3.17 -25.37 10.25
C ASN A 741 1.90 -24.68 9.71
N THR A 742 0.73 -25.26 9.99
CA THR A 742 -0.55 -24.80 9.42
C THR A 742 -1.11 -23.52 10.05
N THR A 743 -0.53 -23.07 11.19
CA THR A 743 -0.83 -21.77 11.78
C THR A 743 0.50 -21.17 12.22
N THR A 744 0.55 -19.85 12.29
CA THR A 744 1.75 -19.18 12.82
C THR A 744 1.80 -19.30 14.35
N LEU A 745 0.66 -19.49 15.02
CA LEU A 745 0.69 -19.86 16.46
C LEU A 745 1.67 -21.02 16.66
N ALA A 746 1.53 -22.04 15.83
CA ALA A 746 2.34 -23.23 15.93
C ALA A 746 3.73 -23.04 15.28
N SER A 747 3.75 -22.43 14.10
CA SER A 747 5.00 -22.29 13.35
C SER A 747 6.08 -21.54 14.11
N ARG A 748 5.67 -20.52 14.87
CA ARG A 748 6.59 -19.70 15.66
C ARG A 748 7.35 -20.43 16.77
N LYS A 749 6.89 -21.64 17.09
CA LYS A 749 7.53 -22.52 18.07
C LYS A 749 8.58 -23.42 17.43
N ASN A 750 8.69 -23.41 16.10
CA ASN A 750 9.50 -24.44 15.42
C ASN A 750 10.97 -24.07 15.30
N PRO A 751 11.83 -25.06 15.00
CA PRO A 751 13.23 -24.71 14.68
C PRO A 751 13.38 -23.72 13.51
N LEU A 752 14.43 -22.92 13.60
CA LEU A 752 14.77 -21.92 12.59
CA LEU A 752 14.77 -21.91 12.59
C LEU A 752 15.83 -22.45 11.64
N GLY A 753 16.01 -21.78 10.50
CA GLY A 753 17.04 -22.14 9.54
C GLY A 753 17.66 -20.90 8.93
N LEU A 754 18.79 -21.06 8.27
CA LEU A 754 19.37 -19.97 7.50
C LEU A 754 19.63 -20.47 6.09
N ILE A 755 19.20 -19.68 5.09
CA ILE A 755 19.65 -19.92 3.70
CA ILE A 755 19.70 -19.95 3.75
C ILE A 755 20.65 -18.83 3.33
N ILE A 756 21.89 -19.25 3.04
CA ILE A 756 22.96 -18.32 2.75
C ILE A 756 23.16 -18.41 1.24
N ALA A 757 22.76 -17.37 0.50
CA ALA A 757 22.95 -17.33 -0.96
C ALA A 757 24.20 -16.53 -1.21
N LEU A 758 25.28 -17.24 -1.57
CA LEU A 758 26.58 -16.62 -1.77
C LEU A 758 26.69 -15.77 -3.04
N ASP A 759 27.32 -14.61 -2.93
CA ASP A 759 27.62 -13.81 -4.13
C ASP A 759 28.92 -14.31 -4.78
N GLU A 760 29.32 -13.67 -5.89
CA GLU A 760 30.49 -14.09 -6.67
C GLU A 760 31.75 -14.15 -5.83
N ASN A 761 31.83 -13.30 -4.82
CA ASN A 761 32.95 -13.30 -3.88
C ASN A 761 32.81 -14.22 -2.68
N LYS A 762 31.82 -15.13 -2.69
CA LYS A 762 31.54 -16.06 -1.56
C LYS A 762 31.14 -15.40 -0.23
N GLU A 763 30.43 -14.26 -0.33
CA GLU A 763 30.03 -13.46 0.83
C GLU A 763 28.49 -13.26 0.81
N ALA A 764 27.88 -13.07 1.97
CA ALA A 764 26.44 -12.72 2.02
C ALA A 764 26.15 -12.05 3.33
N LYS A 765 25.02 -11.35 3.41
CA LYS A 765 24.65 -10.65 4.62
C LYS A 765 23.13 -10.79 4.74
N GLY A 766 22.65 -10.83 5.98
CA GLY A 766 21.21 -10.82 6.23
C GLY A 766 20.97 -10.43 7.66
N GLU A 767 19.69 -10.40 8.05
CA GLU A 767 19.34 -10.04 9.40
C GLU A 767 18.04 -10.70 9.77
N LEU A 768 17.75 -10.69 11.08
CA LEU A 768 16.49 -11.20 11.57
C LEU A 768 15.96 -10.31 12.71
N PHE A 769 14.72 -9.83 12.58
CA PHE A 769 14.02 -9.16 13.65
C PHE A 769 13.09 -10.21 14.29
N TRP A 770 13.13 -10.25 15.62
CA TRP A 770 12.26 -11.15 16.37
C TRP A 770 11.74 -10.50 17.63
N ASP A 771 10.43 -10.42 17.73
CA ASP A 771 9.74 -9.97 18.93
C ASP A 771 8.58 -10.97 19.24
N ASP A 772 7.66 -10.63 20.15
CA ASP A 772 6.55 -11.55 20.50
C ASP A 772 5.46 -11.68 19.42
N GLY A 773 5.57 -10.91 18.35
CA GLY A 773 4.66 -11.09 17.18
C GLY A 773 3.30 -10.41 17.32
N GLU A 774 3.03 -9.78 18.46
CA GLU A 774 1.68 -9.22 18.68
C GLU A 774 1.56 -8.00 19.59
N THR A 775 2.54 -7.79 20.46
CA THR A 775 2.44 -6.66 21.40
C THR A 775 2.69 -5.35 20.66
N LYS A 776 1.85 -4.35 20.93
CA LYS A 776 2.00 -3.04 20.32
C LYS A 776 3.23 -2.39 20.94
N ASP A 777 3.96 -1.63 20.13
CA ASP A 777 5.13 -0.86 20.55
C ASP A 777 6.33 -1.63 21.06
N THR A 778 6.45 -2.89 20.68
CA THR A 778 7.67 -3.63 20.96
C THR A 778 8.87 -2.85 20.38
N VAL A 779 8.68 -2.14 19.27
CA VAL A 779 9.81 -1.44 18.62
C VAL A 779 10.14 -0.11 19.35
N ALA A 780 9.12 0.72 19.58
CA ALA A 780 9.26 1.94 20.39
C ALA A 780 9.81 1.70 21.81
N ASN A 781 9.40 0.60 22.44
CA ASN A 781 9.87 0.26 23.78
C ASN A 781 11.09 -0.64 23.79
N LYS A 782 11.70 -0.85 22.62
CA LYS A 782 12.85 -1.72 22.45
C LYS A 782 12.73 -3.01 23.26
N VAL A 783 11.75 -3.83 22.87
CA VAL A 783 11.62 -5.19 23.41
C VAL A 783 11.66 -6.14 22.20
N TYR A 784 12.86 -6.36 21.68
CA TYR A 784 13.06 -7.22 20.51
C TYR A 784 14.47 -7.68 20.35
N LEU A 785 14.64 -8.70 19.51
CA LEU A 785 15.93 -9.18 19.12
C LEU A 785 16.17 -8.67 17.69
N LEU A 786 17.36 -8.16 17.45
CA LEU A 786 17.81 -7.88 16.10
C LEU A 786 19.19 -8.47 15.96
N CYS A 787 19.32 -9.42 15.05
CA CYS A 787 20.64 -9.94 14.78
C CYS A 787 21.04 -9.77 13.30
N GLU A 788 22.34 -9.81 13.04
CA GLU A 788 22.89 -9.71 11.70
C GLU A 788 23.71 -10.97 11.42
N PHE A 789 23.58 -11.49 10.21
CA PHE A 789 24.33 -12.63 9.75
C PHE A 789 25.28 -12.09 8.70
N SER A 790 26.54 -12.49 8.76
CA SER A 790 27.44 -12.19 7.68
C SER A 790 28.37 -13.36 7.40
N VAL A 791 28.56 -13.62 6.11
CA VAL A 791 29.41 -14.69 5.63
C VAL A 791 30.53 -14.10 4.78
N THR A 792 31.74 -14.58 5.05
CA THR A 792 32.90 -14.36 4.18
C THR A 792 33.38 -15.76 3.87
N GLN A 793 34.43 -15.90 3.06
CA GLN A 793 34.96 -17.24 2.83
C GLN A 793 35.36 -17.84 4.18
N ASN A 794 34.91 -19.07 4.42
CA ASN A 794 35.30 -19.84 5.60
C ASN A 794 34.57 -19.49 6.90
N ARG A 795 33.59 -18.59 6.86
CA ARG A 795 33.05 -18.08 8.13
C ARG A 795 31.65 -17.46 8.07
N LEU A 796 30.79 -17.86 9.01
CA LEU A 796 29.48 -17.21 9.25
C LEU A 796 29.57 -16.58 10.64
N GLU A 797 29.12 -15.32 10.74
CA GLU A 797 29.06 -14.62 12.00
C GLU A 797 27.61 -14.28 12.30
N VAL A 798 27.15 -14.74 13.47
CA VAL A 798 25.86 -14.34 13.97
C VAL A 798 26.13 -13.31 15.06
N ASN A 799 25.72 -12.07 14.78
CA ASN A 799 26.01 -10.96 15.64
C ASN A 799 24.71 -10.44 16.23
N ILE A 800 24.70 -10.01 17.49
CA ILE A 800 23.47 -9.51 18.11
C ILE A 800 23.53 -8.02 18.31
N SER A 801 22.64 -7.29 17.64
CA SER A 801 22.66 -5.82 17.77
C SER A 801 21.68 -5.25 18.83
N GLN A 802 20.50 -5.87 18.98
CA GLN A 802 19.54 -5.51 20.01
C GLN A 802 19.09 -6.82 20.65
N SER A 803 19.15 -6.93 21.97
CA SER A 803 18.79 -8.18 22.64
C SER A 803 17.96 -7.92 23.87
N THR A 804 16.74 -7.42 23.69
CA THR A 804 15.87 -7.15 24.78
C THR A 804 14.60 -7.99 24.66
N TYR A 805 14.62 -9.05 23.86
CA TYR A 805 13.53 -10.03 23.90
C TYR A 805 14.07 -11.43 23.68
N LYS A 806 13.83 -12.31 24.64
CA LYS A 806 14.25 -13.69 24.56
C LYS A 806 12.97 -14.51 24.52
N ASP A 807 12.72 -15.09 23.37
CA ASP A 807 11.53 -15.91 23.16
C ASP A 807 11.57 -17.12 24.12
N PRO A 808 10.52 -17.28 24.97
CA PRO A 808 10.46 -18.34 25.99
C PRO A 808 10.23 -19.73 25.40
N ASN A 809 10.18 -19.84 24.07
CA ASN A 809 10.03 -21.14 23.42
C ASN A 809 11.37 -21.74 23.10
N ASN A 810 12.43 -21.05 23.49
CA ASN A 810 13.75 -21.66 23.44
C ASN A 810 14.01 -22.07 21.99
N LEU A 811 13.99 -21.06 21.11
CA LEU A 811 14.17 -21.26 19.67
C LEU A 811 15.64 -21.32 19.33
N ALA A 812 15.97 -22.05 18.28
CA ALA A 812 17.33 -22.17 17.79
C ALA A 812 17.33 -22.42 16.29
N PHE A 813 18.42 -22.01 15.63
CA PHE A 813 18.75 -22.42 14.28
C PHE A 813 19.28 -23.85 14.32
N ASN A 814 18.63 -24.76 13.59
CA ASN A 814 19.07 -26.16 13.58
C ASN A 814 19.56 -26.59 12.20
N GLU A 815 19.54 -25.65 11.25
CA GLU A 815 19.99 -25.96 9.89
C GLU A 815 20.43 -24.70 9.19
N ILE A 816 21.56 -24.81 8.51
CA ILE A 816 22.11 -23.75 7.64
C ILE A 816 22.29 -24.36 6.25
N LYS A 817 21.63 -23.79 5.23
CA LYS A 817 21.85 -24.19 3.83
C LYS A 817 22.67 -23.12 3.11
N ILE A 818 23.77 -23.57 2.46
CA ILE A 818 24.67 -22.65 1.78
C ILE A 818 24.63 -22.96 0.28
N LEU A 819 24.36 -21.92 -0.51
CA LEU A 819 24.23 -22.04 -1.96
C LEU A 819 25.44 -21.43 -2.69
N GLY A 820 25.87 -22.05 -3.78
CA GLY A 820 26.99 -21.53 -4.60
C GLY A 820 28.33 -21.67 -3.89
N THR A 821 28.48 -22.77 -3.15
CA THR A 821 29.68 -23.00 -2.33
C THR A 821 30.48 -24.23 -2.78
N GLU A 822 31.80 -24.18 -2.62
CA GLU A 822 32.62 -25.39 -2.70
C GLU A 822 32.43 -26.16 -1.40
N GLU A 823 32.81 -27.43 -1.36
CA GLU A 823 32.53 -28.23 -0.17
C GLU A 823 33.13 -27.64 1.10
N PRO A 824 32.29 -27.33 2.11
CA PRO A 824 32.87 -26.94 3.39
C PRO A 824 33.27 -28.16 4.22
N SER A 825 34.53 -28.19 4.64
CA SER A 825 34.99 -29.27 5.50
C SER A 825 35.31 -28.78 6.92
N ASN A 826 35.35 -29.73 7.86
CA ASN A 826 35.67 -29.46 9.28
C ASN A 826 34.92 -28.28 9.89
N VAL A 827 33.59 -28.32 9.84
CA VAL A 827 32.75 -27.22 10.32
C VAL A 827 32.81 -27.13 11.83
N THR A 828 33.05 -25.92 12.33
CA THR A 828 33.21 -25.62 13.75
C THR A 828 32.24 -24.53 14.18
N VAL A 829 31.62 -24.71 15.35
CA VAL A 829 30.65 -23.75 15.87
C VAL A 829 31.18 -23.21 17.20
N LYS A 830 31.44 -21.91 17.24
CA LYS A 830 31.98 -21.29 18.43
C LYS A 830 31.03 -20.25 18.98
N HIS A 831 30.87 -20.27 20.30
CA HIS A 831 29.98 -19.40 21.06
C HIS A 831 30.88 -18.45 21.88
N ASN A 832 31.55 -17.55 21.16
CA ASN A 832 32.58 -16.64 21.67
C ASN A 832 33.93 -17.32 21.84
N GLY A 833 34.40 -17.95 20.76
CA GLY A 833 35.70 -18.62 20.76
C GLY A 833 35.71 -20.00 21.38
N VAL A 834 34.63 -20.37 22.06
CA VAL A 834 34.52 -21.67 22.70
C VAL A 834 33.69 -22.62 21.79
N PRO A 835 34.32 -23.67 21.23
CA PRO A 835 33.61 -24.60 20.36
C PRO A 835 32.41 -25.32 21.00
N SER A 836 31.43 -25.69 20.18
CA SER A 836 30.32 -26.59 20.55
C SER A 836 29.45 -26.88 19.36
N THR A 838 29.24 -30.84 19.94
CA THR A 838 30.22 -31.50 19.07
C THR A 838 30.10 -31.07 17.60
N SER A 839 30.65 -31.86 16.69
CA SER A 839 30.76 -31.54 15.27
C SER A 839 29.38 -31.54 14.59
N PRO A 840 29.04 -30.47 13.82
CA PRO A 840 27.78 -30.50 13.08
C PRO A 840 27.93 -31.49 11.93
N THR A 841 26.83 -31.95 11.34
CA THR A 841 26.85 -32.78 10.12
C THR A 841 26.79 -31.89 8.87
N VAL A 842 27.62 -32.17 7.87
CA VAL A 842 27.54 -31.44 6.61
C VAL A 842 27.21 -32.41 5.49
N THR A 843 26.17 -32.09 4.71
CA THR A 843 25.84 -32.85 3.51
C THR A 843 26.22 -31.97 2.31
N TYR A 844 26.95 -32.52 1.34
CA TYR A 844 27.37 -31.71 0.21
C TYR A 844 26.89 -32.30 -1.10
N ASP A 845 26.32 -31.44 -1.94
CA ASP A 845 25.95 -31.77 -3.30
C ASP A 845 26.94 -31.06 -4.25
N SER A 846 27.90 -31.83 -4.80
CA SER A 846 28.97 -31.26 -5.60
C SER A 846 28.55 -30.81 -6.99
N ASN A 847 27.49 -31.42 -7.53
CA ASN A 847 26.89 -31.00 -8.79
C ASN A 847 26.18 -29.63 -8.64
N LEU A 848 25.39 -29.48 -7.58
CA LEU A 848 24.58 -28.30 -7.35
C LEU A 848 25.31 -27.20 -6.58
N LYS A 849 26.43 -27.55 -5.97
CA LYS A 849 27.23 -26.66 -5.11
C LYS A 849 26.43 -26.17 -3.89
N VAL A 850 25.70 -27.09 -3.26
CA VAL A 850 24.88 -26.81 -2.07
C VAL A 850 25.39 -27.57 -0.88
N ALA A 851 25.55 -26.87 0.24
CA ALA A 851 25.98 -27.51 1.46
C ALA A 851 24.85 -27.31 2.44
N ILE A 852 24.53 -28.36 3.18
CA ILE A 852 23.56 -28.22 4.26
C ILE A 852 24.19 -28.63 5.57
N ILE A 853 24.26 -27.71 6.52
CA ILE A 853 24.79 -28.00 7.85
CA ILE A 853 24.78 -28.06 7.83
C ILE A 853 23.63 -28.35 8.80
N THR A 854 23.70 -29.52 9.42
CA THR A 854 22.61 -29.98 10.28
C THR A 854 23.25 -30.55 11.58
N ASP A 855 22.45 -30.91 12.59
CA ASP A 855 22.99 -31.33 13.90
C ASP A 855 23.72 -30.13 14.53
N ILE A 856 23.08 -28.97 14.43
CA ILE A 856 23.60 -27.72 14.96
C ILE A 856 22.50 -27.09 15.83
N ASP A 857 22.89 -26.31 16.83
CA ASP A 857 21.93 -25.78 17.80
C ASP A 857 22.33 -24.35 18.17
N LEU A 858 22.11 -23.42 17.24
CA LEU A 858 22.50 -22.02 17.49
C LEU A 858 21.30 -21.34 18.10
N LEU A 859 21.33 -21.14 19.42
CA LEU A 859 20.20 -20.51 20.10
C LEU A 859 19.94 -19.11 19.58
N LEU A 860 18.67 -18.81 19.38
CA LEU A 860 18.24 -17.50 18.94
C LEU A 860 18.60 -16.43 20.00
N GLY A 861 19.26 -15.37 19.55
CA GLY A 861 19.62 -14.28 20.44
C GLY A 861 21.04 -14.40 20.94
N GLU A 862 21.73 -15.46 20.53
CA GLU A 862 23.13 -15.68 20.96
C GLU A 862 24.09 -15.45 19.82
N ALA A 863 25.26 -14.94 20.14
CA ALA A 863 26.29 -14.71 19.13
C ALA A 863 27.11 -15.96 18.87
N TYR A 864 27.27 -16.31 17.58
CA TYR A 864 28.07 -17.47 17.13
C TYR A 864 28.97 -17.11 15.98
N THR A 865 30.02 -17.92 15.85
CA THR A 865 30.86 -17.96 14.69
C THR A 865 30.87 -19.39 14.17
N VAL A 866 30.56 -19.57 12.91
CA VAL A 866 30.57 -20.89 12.27
C VAL A 866 31.66 -20.82 11.20
N GLU A 867 32.64 -21.71 11.31
CA GLU A 867 33.81 -21.65 10.44
C GLU A 867 34.04 -22.96 9.75
N TRP A 868 34.54 -22.89 8.52
CA TRP A 868 34.88 -24.06 7.73
C TRP A 868 36.14 -23.83 6.89
N ALA A 869 36.60 -24.88 6.23
CA ALA A 869 37.75 -24.80 5.32
C ALA A 869 37.32 -25.30 3.94
N HIS A 870 38.16 -25.04 2.92
CA HIS A 870 37.98 -25.62 1.58
C HIS A 870 39.27 -26.34 1.17
#